data_4KA7
#
_entry.id   4KA7
#
_cell.length_a   71.466
_cell.length_b   100.771
_cell.length_c   132.484
_cell.angle_alpha   90.000
_cell.angle_beta   90.000
_cell.angle_gamma   90.000
#
_symmetry.space_group_name_H-M   'P 21 21 21'
#
loop_
_entity.id
_entity.type
_entity.pdbx_description
1 polymer 'Oligopeptidase A'
2 polymer 'short endogenous peptide substrate'
3 non-polymer 'ZINC ION'
4 non-polymer GLYCEROL
5 non-polymer 'SODIUM ION'
6 non-polymer 'CHLORIDE ION'
7 water water
#
loop_
_entity_poly.entity_id
_entity_poly.type
_entity_poly.pdbx_seq_one_letter_code
_entity_poly.pdbx_strand_id
1 'polypeptide(L)'
;GPLGSAAAVESVVSDETLSSNPLLQDFDFPPFDSVDASHVRPGIRALLQHLEAELEELEKSVEPTWPKLVEPLEKIVDRL
TVVWGMINHLKAVKDTPELRAAIEDVQPEKVKFQLRLGQSKPIYNAFKAIRESPDWSSLSEARQRLVEAQIKEAVLIGIA
LDDEKREEFNKIEQELEKLSHKFSENVLDATKKFEKLITDKKEIEGLPPSALGLFAQAAVSKGHENATAENGPWIITLDA
PSYLPVMQHAKNRALREEVYRAYLSRASSGDLDNTAIIDQILKLRLEKAKLLGYNNYAEVSMAMKMATVEKAAELLEKLR
SASWDAAVQDMEDLKSFAKNQGAAESDSMTHWDTTFWSERLRESKYDINEEELRPYFSLPKVMDGLFSLAKTLFGIDIEP
ADGLAPVWNNDVRFYRVKDSSGNPIAYFYFDPYSRPSEKRGGAWMDEVVSRSRVMAQKGSSVRLPVAHMVCNQTPPVGDK
PSLMTFREVETVFHQFGHALQHMLTKQDEGLVAGIRNIEWDAVELPSQFMENWCYHRDTLMSIAKHYETGETLPEEVYKK
LLAARTFRAGSFSLRQLKFASVDLELHTKYVPGGPESIYDVDQRVSVKTQVIPPLPEDRFLCSFSHIFAGGYAAGYYSYK
WAEVLSADAFSAFEDAGLDDIKAVKETGQRFRNTILALGGGKAPLKVFVEFRGREPSPEPLLRHNGLLAASASA
;
A
2 'polypeptide(L)' AAAA C
#
# COMPACT_ATOMS: atom_id res chain seq x y z
N SER A 14 15.36 29.58 -14.89
CA SER A 14 16.12 30.86 -15.00
C SER A 14 17.45 30.77 -14.26
N ASP A 15 18.48 31.40 -14.84
CA ASP A 15 19.81 31.58 -14.19
C ASP A 15 20.61 30.31 -13.84
N GLU A 16 20.04 29.14 -14.13
CA GLU A 16 20.80 27.89 -14.06
C GLU A 16 20.71 27.15 -15.38
N THR A 17 21.75 26.41 -15.71
CA THR A 17 21.77 25.67 -16.96
C THR A 17 20.81 24.47 -16.88
N LEU A 18 20.27 24.07 -18.03
CA LEU A 18 19.53 22.83 -18.15
C LEU A 18 20.37 21.65 -17.66
N SER A 19 21.65 21.63 -18.06
CA SER A 19 22.56 20.55 -17.65
C SER A 19 22.73 20.42 -16.13
N SER A 20 22.38 21.47 -15.38
CA SER A 20 22.44 21.45 -13.92
C SER A 20 21.13 21.03 -13.22
N ASN A 21 20.09 20.75 -14.00
CA ASN A 21 18.78 20.30 -13.48
C ASN A 21 19.00 19.12 -12.53
N PRO A 22 18.45 19.21 -11.30
CA PRO A 22 18.70 18.15 -10.30
C PRO A 22 18.29 16.74 -10.76
N LEU A 23 17.26 16.66 -11.61
CA LEU A 23 16.78 15.38 -12.13
C LEU A 23 17.75 14.69 -13.08
N LEU A 24 18.73 15.45 -13.59
CA LEU A 24 19.67 14.93 -14.58
C LEU A 24 21.03 14.57 -13.97
N GLN A 25 21.19 14.75 -12.67
CA GLN A 25 22.48 14.50 -12.02
C GLN A 25 22.63 13.05 -11.60
N ASP A 26 23.88 12.62 -11.43
CA ASP A 26 24.15 11.39 -10.73
C ASP A 26 24.03 11.70 -9.24
N PHE A 27 23.22 10.92 -8.53
CA PHE A 27 23.06 11.11 -7.11
C PHE A 27 23.01 9.76 -6.39
N ASP A 28 23.48 9.75 -5.14
CA ASP A 28 23.36 8.59 -4.26
C ASP A 28 21.95 8.52 -3.68
N PHE A 29 21.44 9.66 -3.22
CA PHE A 29 20.09 9.76 -2.69
C PHE A 29 19.37 10.85 -3.47
N PRO A 30 18.08 10.65 -3.79
CA PRO A 30 17.43 11.65 -4.65
C PRO A 30 17.40 13.06 -4.04
N PRO A 31 17.45 14.10 -4.90
CA PRO A 31 17.50 15.50 -4.43
C PRO A 31 16.10 16.01 -4.05
N PHE A 32 15.49 15.35 -3.06
CA PHE A 32 14.12 15.67 -2.65
C PHE A 32 13.94 17.09 -2.11
N ASP A 33 15.04 17.73 -1.72
CA ASP A 33 15.01 19.05 -1.11
C ASP A 33 15.19 20.16 -2.16
N SER A 34 15.52 19.80 -3.39
CA SER A 34 15.86 20.81 -4.39
C SER A 34 15.09 20.67 -5.70
N VAL A 35 14.16 19.73 -5.74
CA VAL A 35 13.34 19.50 -6.92
C VAL A 35 11.94 20.08 -6.72
N ASP A 36 11.48 20.88 -7.66
CA ASP A 36 10.09 21.31 -7.65
C ASP A 36 9.51 21.29 -9.06
N ALA A 37 8.27 21.75 -9.18
CA ALA A 37 7.54 21.72 -10.44
C ALA A 37 8.35 22.26 -11.62
N SER A 38 9.11 23.33 -11.38
CA SER A 38 9.83 24.01 -12.45
C SER A 38 10.90 23.14 -13.12
N HIS A 39 11.36 22.09 -12.42
CA HIS A 39 12.40 21.21 -12.94
C HIS A 39 11.82 20.11 -13.81
N VAL A 40 10.51 19.89 -13.73
CA VAL A 40 9.91 18.68 -14.27
C VAL A 40 9.87 18.65 -15.81
N ARG A 41 9.34 19.70 -16.43
CA ARG A 41 9.28 19.76 -17.89
C ARG A 41 10.67 19.66 -18.52
N PRO A 42 11.62 20.54 -18.12
CA PRO A 42 12.94 20.46 -18.76
C PRO A 42 13.65 19.15 -18.44
N GLY A 43 13.56 18.73 -17.18
CA GLY A 43 14.29 17.55 -16.69
C GLY A 43 13.81 16.26 -17.31
N ILE A 44 12.50 16.04 -17.28
CA ILE A 44 11.94 14.83 -17.88
C ILE A 44 12.15 14.83 -19.40
N ARG A 45 11.94 15.97 -20.06
CA ARG A 45 12.09 15.98 -21.53
C ARG A 45 13.53 15.75 -21.97
N ALA A 46 14.48 16.33 -21.23
CA ALA A 46 15.88 16.11 -21.53
C ALA A 46 16.25 14.66 -21.23
N LEU A 47 15.73 14.12 -20.12
CA LEU A 47 16.05 12.72 -19.77
C LEU A 47 15.53 11.77 -20.85
N LEU A 48 14.30 11.97 -21.30
CA LEU A 48 13.72 11.11 -22.34
C LEU A 48 14.50 11.10 -23.66
N GLN A 49 14.99 12.26 -24.08
CA GLN A 49 15.89 12.35 -25.23
C GLN A 49 17.14 11.51 -25.04
N HIS A 50 17.71 11.54 -23.84
N HIS A 50 17.73 11.57 -23.85
CA HIS A 50 18.91 10.75 -23.57
CA HIS A 50 18.91 10.78 -23.49
C HIS A 50 18.62 9.26 -23.57
C HIS A 50 18.60 9.30 -23.59
N LEU A 51 17.50 8.88 -22.95
CA LEU A 51 17.10 7.47 -22.92
C LEU A 51 16.74 6.92 -24.29
N GLU A 52 16.15 7.77 -25.13
CA GLU A 52 15.89 7.40 -26.53
C GLU A 52 17.17 7.04 -27.25
N ALA A 53 18.19 7.88 -27.11
CA ALA A 53 19.49 7.62 -27.73
C ALA A 53 20.13 6.34 -27.18
N GLU A 54 19.97 6.12 -25.88
CA GLU A 54 20.51 4.90 -25.26
C GLU A 54 19.80 3.64 -25.76
N LEU A 55 18.48 3.74 -25.92
CA LEU A 55 17.70 2.63 -26.47
C LEU A 55 18.13 2.33 -27.91
N GLU A 56 18.33 3.39 -28.69
CA GLU A 56 18.81 3.20 -30.06
C GLU A 56 20.13 2.45 -30.10
N GLU A 57 21.05 2.83 -29.21
CA GLU A 57 22.37 2.23 -29.13
C GLU A 57 22.27 0.77 -28.70
N LEU A 58 21.39 0.48 -27.72
CA LEU A 58 21.13 -0.88 -27.27
C LEU A 58 20.59 -1.73 -28.43
N GLU A 59 19.56 -1.24 -29.11
CA GLU A 59 18.94 -1.99 -30.20
C GLU A 59 19.94 -2.29 -31.32
N LYS A 60 20.82 -1.33 -31.59
CA LYS A 60 21.82 -1.49 -32.65
C LYS A 60 22.88 -2.56 -32.34
N SER A 61 23.21 -2.71 -31.06
N SER A 61 23.21 -2.71 -31.06
CA SER A 61 24.30 -3.60 -30.64
CA SER A 61 24.29 -3.60 -30.64
C SER A 61 23.81 -4.88 -29.96
C SER A 61 23.80 -4.81 -29.84
N VAL A 62 22.49 -5.04 -29.86
CA VAL A 62 21.88 -6.12 -29.06
C VAL A 62 22.36 -7.53 -29.42
N GLU A 63 22.71 -8.30 -28.39
N GLU A 63 22.71 -8.31 -28.40
CA GLU A 63 23.03 -9.71 -28.50
CA GLU A 63 23.02 -9.73 -28.54
C GLU A 63 22.33 -10.39 -27.33
C GLU A 63 22.37 -10.41 -27.33
N PRO A 64 22.06 -11.71 -27.44
CA PRO A 64 21.40 -12.42 -26.33
C PRO A 64 22.36 -12.78 -25.19
N THR A 65 22.95 -11.76 -24.58
CA THR A 65 23.88 -11.94 -23.47
C THR A 65 23.59 -10.86 -22.42
N TRP A 66 24.11 -11.03 -21.21
CA TRP A 66 23.91 -10.01 -20.18
C TRP A 66 24.51 -8.65 -20.55
N PRO A 67 25.79 -8.62 -20.96
CA PRO A 67 26.41 -7.31 -21.26
C PRO A 67 25.78 -6.57 -22.43
N LYS A 68 25.21 -7.30 -23.37
CA LYS A 68 24.65 -6.70 -24.58
C LYS A 68 23.13 -6.51 -24.58
N LEU A 69 22.45 -7.04 -23.57
CA LEU A 69 21.00 -6.94 -23.49
C LEU A 69 20.54 -6.50 -22.10
N VAL A 70 20.74 -7.36 -21.10
CA VAL A 70 20.10 -7.16 -19.81
C VAL A 70 20.70 -5.98 -19.05
N GLU A 71 22.03 -5.86 -19.09
CA GLU A 71 22.71 -4.76 -18.39
C GLU A 71 22.36 -3.38 -18.99
N PRO A 72 22.54 -3.17 -20.31
CA PRO A 72 22.12 -1.88 -20.86
C PRO A 72 20.62 -1.60 -20.71
N LEU A 73 19.80 -2.65 -20.71
CA LEU A 73 18.36 -2.47 -20.47
C LEU A 73 18.08 -1.98 -19.06
N GLU A 74 18.68 -2.63 -18.07
CA GLU A 74 18.50 -2.18 -16.70
C GLU A 74 18.92 -0.71 -16.54
N LYS A 75 20.01 -0.30 -17.18
CA LYS A 75 20.49 1.08 -17.03
C LYS A 75 19.41 2.08 -17.50
N ILE A 76 18.74 1.75 -18.60
CA ILE A 76 17.66 2.58 -19.12
C ILE A 76 16.45 2.56 -18.18
N VAL A 77 15.98 1.35 -17.85
CA VAL A 77 14.83 1.17 -16.97
C VAL A 77 15.07 1.84 -15.62
N ASP A 78 16.28 1.65 -15.07
CA ASP A 78 16.57 2.15 -13.75
C ASP A 78 16.50 3.67 -13.70
N ARG A 79 17.11 4.32 -14.68
CA ARG A 79 17.13 5.78 -14.66
C ARG A 79 15.71 6.35 -14.71
N LEU A 80 14.88 5.83 -15.58
CA LEU A 80 13.50 6.31 -15.69
C LEU A 80 12.71 6.03 -14.41
N THR A 81 12.87 4.81 -13.88
CA THR A 81 12.13 4.41 -12.68
C THR A 81 12.51 5.28 -11.49
N VAL A 82 13.80 5.57 -11.34
CA VAL A 82 14.27 6.34 -10.19
C VAL A 82 13.82 7.80 -10.26
N VAL A 83 13.98 8.40 -11.43
CA VAL A 83 13.65 9.82 -11.63
C VAL A 83 12.14 10.05 -11.64
N TRP A 84 11.39 9.26 -12.42
CA TRP A 84 9.93 9.37 -12.41
C TRP A 84 9.37 9.01 -11.04
N GLY A 85 9.99 8.01 -10.41
CA GLY A 85 9.60 7.59 -9.07
C GLY A 85 9.70 8.72 -8.08
N MET A 86 10.78 9.49 -8.14
CA MET A 86 10.94 10.57 -7.17
C MET A 86 9.92 11.70 -7.39
N ILE A 87 9.61 11.98 -8.65
CA ILE A 87 8.59 12.96 -9.02
C ILE A 87 7.19 12.51 -8.56
N ASN A 88 6.86 11.25 -8.82
CA ASN A 88 5.57 10.74 -8.40
C ASN A 88 5.44 10.65 -6.89
N HIS A 89 6.56 10.38 -6.21
CA HIS A 89 6.59 10.42 -4.76
C HIS A 89 6.30 11.82 -4.25
N LEU A 90 6.98 12.82 -4.84
CA LEU A 90 6.72 14.21 -4.45
C LEU A 90 5.26 14.60 -4.71
N LYS A 91 4.67 14.07 -5.78
CA LYS A 91 3.25 14.31 -6.07
C LYS A 91 2.37 13.76 -4.95
N ALA A 92 2.78 12.60 -4.41
CA ALA A 92 2.01 11.90 -3.38
C ALA A 92 2.15 12.51 -1.98
N VAL A 93 3.27 13.16 -1.69
CA VAL A 93 3.53 13.70 -0.35
C VAL A 93 3.66 15.23 -0.29
N LYS A 94 3.72 15.87 -1.44
CA LYS A 94 3.94 17.31 -1.49
C LYS A 94 3.27 17.88 -2.75
N ASP A 95 2.00 17.52 -2.93
CA ASP A 95 1.22 17.94 -4.09
C ASP A 95 1.14 19.46 -4.16
N THR A 96 1.29 20.01 -5.36
CA THR A 96 1.01 21.43 -5.60
C THR A 96 0.30 21.52 -6.94
N PRO A 97 -0.43 22.62 -7.18
CA PRO A 97 -1.02 22.83 -8.51
C PRO A 97 0.06 22.83 -9.59
N GLU A 98 1.19 23.45 -9.31
CA GLU A 98 2.26 23.56 -10.32
C GLU A 98 2.84 22.18 -10.64
N LEU A 99 2.95 21.33 -9.63
CA LEU A 99 3.50 19.98 -9.84
C LEU A 99 2.52 19.10 -10.63
N ARG A 100 1.23 19.22 -10.34
CA ARG A 100 0.18 18.55 -11.11
C ARG A 100 0.23 18.88 -12.59
N ALA A 101 0.29 20.18 -12.88
CA ALA A 101 0.34 20.66 -14.26
C ALA A 101 1.57 20.15 -14.98
N ALA A 102 2.71 20.14 -14.28
CA ALA A 102 3.98 19.74 -14.91
C ALA A 102 3.97 18.25 -15.25
N ILE A 103 3.48 17.44 -14.31
CA ILE A 103 3.38 15.99 -14.53
C ILE A 103 2.41 15.67 -15.66
N GLU A 104 1.25 16.34 -15.67
CA GLU A 104 0.27 16.18 -16.74
C GLU A 104 0.86 16.50 -18.10
N ASP A 105 1.65 17.58 -18.15
N ASP A 105 1.62 17.60 -18.18
CA ASP A 105 2.29 18.02 -19.37
CA ASP A 105 2.28 18.00 -19.43
C ASP A 105 3.29 17.03 -19.96
C ASP A 105 3.23 16.95 -19.98
N VAL A 106 4.01 16.31 -19.11
CA VAL A 106 5.07 15.38 -19.58
C VAL A 106 4.64 13.90 -19.56
N GLN A 107 3.54 13.60 -18.88
CA GLN A 107 3.16 12.20 -18.69
C GLN A 107 2.98 11.44 -20.01
N PRO A 108 2.31 12.05 -21.01
CA PRO A 108 2.17 11.37 -22.31
C PRO A 108 3.50 11.05 -23.00
N GLU A 109 4.49 11.95 -22.90
CA GLU A 109 5.82 11.70 -23.46
C GLU A 109 6.52 10.54 -22.74
N LYS A 110 6.36 10.50 -21.42
CA LYS A 110 6.94 9.44 -20.59
C LYS A 110 6.28 8.11 -20.95
N VAL A 111 4.95 8.11 -21.07
CA VAL A 111 4.22 6.89 -21.41
C VAL A 111 4.58 6.43 -22.83
N LYS A 112 4.66 7.37 -23.77
CA LYS A 112 5.09 7.04 -25.13
C LYS A 112 6.45 6.32 -25.13
N PHE A 113 7.37 6.79 -24.29
CA PHE A 113 8.68 6.16 -24.21
C PHE A 113 8.60 4.77 -23.59
N GLN A 114 7.81 4.63 -22.52
CA GLN A 114 7.61 3.32 -21.89
C GLN A 114 7.07 2.31 -22.88
N LEU A 115 6.12 2.74 -23.72
CA LEU A 115 5.57 1.88 -24.79
C LEU A 115 6.63 1.52 -25.83
N ARG A 116 7.40 2.51 -26.25
CA ARG A 116 8.49 2.31 -27.22
C ARG A 116 9.48 1.28 -26.69
N LEU A 117 9.92 1.46 -25.45
CA LEU A 117 10.85 0.57 -24.80
C LEU A 117 10.27 -0.85 -24.65
N GLY A 118 9.05 -0.93 -24.14
CA GLY A 118 8.42 -2.23 -23.88
C GLY A 118 8.12 -3.01 -25.14
N GLN A 119 7.85 -2.27 -26.23
CA GLN A 119 7.50 -2.87 -27.51
C GLN A 119 8.71 -3.05 -28.43
N SER A 120 9.92 -2.93 -27.88
CA SER A 120 11.15 -3.09 -28.66
C SER A 120 11.31 -4.52 -29.17
N LYS A 121 11.21 -4.67 -30.48
CA LYS A 121 11.38 -5.98 -31.09
C LYS A 121 12.81 -6.52 -31.00
N PRO A 122 13.84 -5.67 -31.17
CA PRO A 122 15.20 -6.20 -30.98
C PRO A 122 15.43 -6.74 -29.56
N ILE A 123 14.90 -6.07 -28.54
CA ILE A 123 15.02 -6.53 -27.14
C ILE A 123 14.24 -7.84 -26.94
N TYR A 124 12.98 -7.85 -27.37
CA TYR A 124 12.13 -9.03 -27.23
C TYR A 124 12.73 -10.25 -27.91
N ASN A 125 13.21 -10.07 -29.14
CA ASN A 125 13.81 -11.17 -29.90
C ASN A 125 15.07 -11.73 -29.24
N ALA A 126 15.86 -10.84 -28.64
CA ALA A 126 17.05 -11.25 -27.89
C ALA A 126 16.68 -12.06 -26.65
N PHE A 127 15.63 -11.64 -25.93
CA PHE A 127 15.16 -12.43 -24.79
C PHE A 127 14.66 -13.81 -25.21
N LYS A 128 13.92 -13.86 -26.32
CA LYS A 128 13.46 -15.16 -26.84
C LYS A 128 14.64 -16.07 -27.20
N ALA A 129 15.70 -15.48 -27.78
CA ALA A 129 16.92 -16.25 -28.09
C ALA A 129 17.54 -16.84 -26.81
N ILE A 130 17.52 -16.08 -25.72
CA ILE A 130 18.04 -16.61 -24.45
C ILE A 130 17.17 -17.76 -23.96
N ARG A 131 15.86 -17.56 -24.00
CA ARG A 131 14.91 -18.61 -23.62
C ARG A 131 15.09 -19.90 -24.45
N GLU A 132 15.43 -19.73 -25.72
N GLU A 132 15.41 -19.78 -25.73
CA GLU A 132 15.58 -20.83 -26.68
CA GLU A 132 15.54 -20.96 -26.58
C GLU A 132 17.01 -21.38 -26.74
C GLU A 132 16.93 -21.58 -26.57
N SER A 133 17.86 -20.98 -25.81
CA SER A 133 19.25 -21.45 -25.77
C SER A 133 19.32 -22.92 -25.32
N PRO A 134 20.21 -23.70 -25.94
CA PRO A 134 20.33 -25.13 -25.61
C PRO A 134 20.68 -25.38 -24.15
N ASP A 135 21.29 -24.42 -23.48
CA ASP A 135 21.71 -24.56 -22.08
C ASP A 135 20.94 -23.66 -21.12
N TRP A 136 19.72 -23.30 -21.53
CA TRP A 136 18.77 -22.59 -20.68
C TRP A 136 18.72 -23.14 -19.24
N SER A 137 18.68 -24.47 -19.10
CA SER A 137 18.58 -25.09 -17.78
C SER A 137 19.77 -24.81 -16.85
N SER A 138 20.88 -24.32 -17.41
CA SER A 138 22.04 -23.97 -16.60
C SER A 138 22.05 -22.53 -16.12
N LEU A 139 21.18 -21.69 -16.71
CA LEU A 139 21.08 -20.31 -16.28
C LEU A 139 20.51 -20.26 -14.87
N SER A 140 20.99 -19.34 -14.05
CA SER A 140 20.51 -19.23 -12.66
C SER A 140 19.00 -19.00 -12.61
N GLU A 141 18.37 -19.50 -11.56
CA GLU A 141 16.92 -19.36 -11.40
C GLU A 141 16.46 -17.91 -11.50
N ALA A 142 17.22 -17.00 -10.85
CA ALA A 142 16.86 -15.59 -10.85
C ALA A 142 16.91 -15.04 -12.27
N ARG A 143 17.91 -15.43 -13.04
CA ARG A 143 18.02 -14.96 -14.42
C ARG A 143 16.98 -15.59 -15.34
N GLN A 144 16.63 -16.85 -15.09
CA GLN A 144 15.51 -17.49 -15.79
C GLN A 144 14.21 -16.73 -15.53
N ARG A 145 13.95 -16.41 -14.26
CA ARG A 145 12.76 -15.63 -13.87
C ARG A 145 12.75 -14.28 -14.59
N LEU A 146 13.92 -13.63 -14.64
CA LEU A 146 14.03 -12.34 -15.32
C LEU A 146 13.64 -12.46 -16.80
N VAL A 147 14.21 -13.43 -17.49
CA VAL A 147 13.97 -13.61 -18.93
C VAL A 147 12.49 -13.92 -19.19
N GLU A 148 11.95 -14.85 -18.41
CA GLU A 148 10.54 -15.22 -18.58
C GLU A 148 9.62 -14.03 -18.33
N ALA A 149 9.95 -13.21 -17.32
CA ALA A 149 9.16 -12.02 -17.02
C ALA A 149 9.20 -11.02 -18.16
N GLN A 150 10.39 -10.79 -18.73
CA GLN A 150 10.52 -9.81 -19.82
C GLN A 150 9.70 -10.23 -21.04
N ILE A 151 9.70 -11.52 -21.35
CA ILE A 151 8.97 -12.04 -22.51
C ILE A 151 7.46 -11.86 -22.29
N LYS A 152 7.00 -12.27 -21.10
CA LYS A 152 5.59 -12.17 -20.75
C LYS A 152 5.12 -10.72 -20.74
N GLU A 153 5.92 -9.83 -20.17
CA GLU A 153 5.56 -8.41 -20.07
C GLU A 153 5.46 -7.74 -21.44
N ALA A 154 6.32 -8.15 -22.37
CA ALA A 154 6.33 -7.57 -23.71
C ALA A 154 5.04 -7.90 -24.45
N VAL A 155 4.57 -9.14 -24.29
CA VAL A 155 3.30 -9.55 -24.88
C VAL A 155 2.14 -8.80 -24.22
N LEU A 156 2.21 -8.64 -22.91
CA LEU A 156 1.16 -7.89 -22.19
C LEU A 156 1.16 -6.40 -22.48
N ILE A 157 2.25 -5.86 -23.02
CA ILE A 157 2.29 -4.47 -23.42
C ILE A 157 2.08 -4.33 -24.94
N GLY A 158 1.53 -5.38 -25.55
CA GLY A 158 1.04 -5.32 -26.93
C GLY A 158 2.05 -5.52 -28.04
N ILE A 159 3.21 -6.11 -27.73
CA ILE A 159 4.24 -6.29 -28.75
C ILE A 159 3.83 -7.19 -29.93
N ALA A 160 2.89 -8.10 -29.68
CA ALA A 160 2.46 -9.05 -30.72
C ALA A 160 1.39 -8.49 -31.64
N LEU A 161 0.88 -7.30 -31.32
CA LEU A 161 -0.15 -6.66 -32.14
C LEU A 161 0.45 -6.07 -33.40
N ASP A 162 -0.25 -6.27 -34.53
CA ASP A 162 0.06 -5.58 -35.78
C ASP A 162 -0.09 -4.09 -35.54
N ASP A 163 0.35 -3.28 -36.50
CA ASP A 163 0.51 -1.84 -36.29
C ASP A 163 -0.79 -1.04 -36.02
N GLU A 164 -1.91 -1.47 -36.60
CA GLU A 164 -3.20 -0.80 -36.39
C GLU A 164 -3.79 -1.06 -34.99
N LYS A 165 -3.80 -2.33 -34.59
CA LYS A 165 -4.23 -2.73 -33.25
C LYS A 165 -3.25 -2.19 -32.22
N ARG A 166 -1.98 -2.12 -32.62
CA ARG A 166 -0.92 -1.53 -31.81
C ARG A 166 -1.21 -0.07 -31.45
N GLU A 167 -1.59 0.71 -32.47
CA GLU A 167 -1.95 2.10 -32.28
C GLU A 167 -3.11 2.28 -31.31
N GLU A 168 -4.11 1.40 -31.42
CA GLU A 168 -5.28 1.42 -30.55
C GLU A 168 -4.87 1.10 -29.12
N PHE A 169 -4.04 0.07 -28.97
CA PHE A 169 -3.52 -0.34 -27.65
C PHE A 169 -2.80 0.82 -26.97
N ASN A 170 -1.94 1.51 -27.71
CA ASN A 170 -1.17 2.62 -27.16
C ASN A 170 -2.04 3.81 -26.75
N LYS A 171 -3.08 4.08 -27.53
CA LYS A 171 -4.04 5.12 -27.16
C LYS A 171 -4.75 4.76 -25.85
N ILE A 172 -5.13 3.49 -25.70
CA ILE A 172 -5.74 3.00 -24.47
C ILE A 172 -4.81 3.17 -23.26
N GLU A 173 -3.54 2.78 -23.42
CA GLU A 173 -2.56 2.92 -22.34
C GLU A 173 -2.39 4.38 -21.91
N GLN A 174 -2.34 5.27 -22.90
CA GLN A 174 -2.19 6.70 -22.64
C GLN A 174 -3.38 7.24 -21.85
N GLU A 175 -4.58 6.86 -22.24
CA GLU A 175 -5.77 7.37 -21.54
C GLU A 175 -5.90 6.82 -20.13
N LEU A 176 -5.59 5.54 -19.94
CA LEU A 176 -5.66 4.94 -18.61
C LEU A 176 -4.75 5.64 -17.61
N GLU A 177 -3.53 5.97 -18.05
CA GLU A 177 -2.55 6.68 -17.23
C GLU A 177 -3.06 8.04 -16.78
N LYS A 178 -3.71 8.75 -17.71
CA LYS A 178 -4.29 10.06 -17.47
C LYS A 178 -5.45 9.97 -16.47
N LEU A 179 -6.32 8.98 -16.67
CA LEU A 179 -7.50 8.79 -15.82
C LEU A 179 -7.14 8.39 -14.38
N SER A 180 -6.16 7.50 -14.24
CA SER A 180 -5.71 7.11 -12.91
C SER A 180 -5.14 8.31 -12.12
N HIS A 181 -4.38 9.16 -12.79
CA HIS A 181 -3.88 10.38 -12.13
C HIS A 181 -5.01 11.32 -11.73
N LYS A 182 -5.99 11.47 -12.61
CA LYS A 182 -7.15 12.30 -12.32
C LYS A 182 -7.92 11.76 -11.13
N PHE A 183 -8.11 10.44 -11.10
CA PHE A 183 -8.85 9.78 -10.05
C PHE A 183 -8.24 10.12 -8.71
N SER A 184 -6.91 9.97 -8.59
CA SER A 184 -6.25 10.23 -7.31
C SER A 184 -6.29 11.70 -6.90
N GLU A 185 -6.21 12.60 -7.87
CA GLU A 185 -6.29 14.04 -7.59
C GLU A 185 -7.67 14.41 -7.06
N ASN A 186 -8.71 13.85 -7.68
CA ASN A 186 -10.06 14.07 -7.21
C ASN A 186 -10.27 13.56 -5.77
N VAL A 187 -9.68 12.40 -5.44
CA VAL A 187 -9.80 11.87 -4.07
C VAL A 187 -9.12 12.80 -3.05
N LEU A 188 -7.90 13.22 -3.36
CA LEU A 188 -7.18 14.16 -2.49
C LEU A 188 -8.01 15.44 -2.28
N ASP A 189 -8.47 16.00 -3.40
CA ASP A 189 -9.23 17.25 -3.39
C ASP A 189 -10.53 17.12 -2.59
N ALA A 190 -11.19 15.97 -2.71
CA ALA A 190 -12.47 15.76 -2.01
C ALA A 190 -12.27 15.63 -0.51
N THR A 191 -11.22 14.90 -0.12
CA THR A 191 -10.87 14.75 1.29
C THR A 191 -10.49 16.11 1.89
N LYS A 192 -9.81 16.92 1.10
CA LYS A 192 -9.34 18.25 1.47
C LYS A 192 -10.47 19.27 1.65
N LYS A 193 -11.54 19.10 0.87
CA LYS A 193 -12.57 20.12 0.73
C LYS A 193 -13.49 20.24 1.93
N PHE A 194 -13.90 19.11 2.49
CA PHE A 194 -14.88 19.09 3.58
C PHE A 194 -14.32 19.74 4.84
N GLU A 195 -15.10 20.68 5.38
CA GLU A 195 -14.79 21.32 6.64
C GLU A 195 -16.08 21.53 7.41
N LYS A 196 -16.10 21.01 8.63
CA LYS A 196 -17.24 21.20 9.53
C LYS A 196 -16.76 22.04 10.72
N LEU A 197 -17.29 23.25 10.82
CA LEU A 197 -17.02 24.11 11.95
C LEU A 197 -18.11 23.89 12.98
N ILE A 198 -17.70 23.54 14.20
CA ILE A 198 -18.63 23.40 15.31
C ILE A 198 -18.31 24.45 16.36
N THR A 199 -19.33 25.26 16.69
CA THR A 199 -19.23 26.28 17.72
C THR A 199 -19.81 25.79 19.05
N ASP A 200 -20.98 25.15 18.95
CA ASP A 200 -21.69 24.64 20.11
C ASP A 200 -21.03 23.39 20.71
N LYS A 201 -20.49 23.57 21.92
CA LYS A 201 -19.85 22.50 22.72
C LYS A 201 -20.67 21.22 22.82
N LYS A 202 -22.00 21.37 22.82
CA LYS A 202 -22.91 20.22 22.95
C LYS A 202 -22.87 19.25 21.78
N GLU A 203 -22.70 19.78 20.58
CA GLU A 203 -22.71 18.96 19.37
C GLU A 203 -21.53 17.99 19.27
N ILE A 204 -20.48 18.27 20.03
CA ILE A 204 -19.25 17.46 20.02
C ILE A 204 -19.16 16.51 21.22
N GLU A 205 -20.27 16.37 21.96
CA GLU A 205 -20.32 15.46 23.11
C GLU A 205 -19.81 14.06 22.76
N GLY A 206 -18.95 13.52 23.63
CA GLY A 206 -18.38 12.19 23.44
C GLY A 206 -16.98 12.15 22.85
N LEU A 207 -16.61 13.16 22.07
CA LEU A 207 -15.26 13.23 21.48
C LEU A 207 -14.20 13.37 22.56
N PRO A 208 -13.18 12.47 22.56
CA PRO A 208 -12.17 12.45 23.62
C PRO A 208 -11.20 13.63 23.55
N PRO A 209 -10.44 13.90 24.64
CA PRO A 209 -9.48 15.02 24.64
C PRO A 209 -8.54 15.03 23.42
N SER A 210 -8.00 13.88 23.03
CA SER A 210 -7.10 13.76 21.87
C SER A 210 -7.71 14.31 20.58
N ALA A 211 -8.96 13.96 20.32
CA ALA A 211 -9.69 14.44 19.14
C ALA A 211 -10.02 15.93 19.24
N LEU A 212 -10.43 16.37 20.43
CA LEU A 212 -10.67 17.79 20.68
C LEU A 212 -9.40 18.58 20.41
N GLY A 213 -8.28 18.10 20.97
CA GLY A 213 -6.95 18.68 20.76
C GLY A 213 -6.53 18.76 19.30
N LEU A 214 -6.92 17.77 18.50
CA LEU A 214 -6.65 17.78 17.07
C LEU A 214 -7.57 18.74 16.32
N PHE A 215 -8.85 18.78 16.69
CA PHE A 215 -9.82 19.63 16.02
C PHE A 215 -9.61 21.11 16.34
N ALA A 216 -9.04 21.36 17.51
CA ALA A 216 -8.68 22.71 17.93
C ALA A 216 -7.41 23.17 17.22
N GLN A 217 -6.40 22.30 17.22
CA GLN A 217 -5.15 22.55 16.48
C GLN A 217 -5.46 22.84 15.01
N ALA A 218 -6.45 22.13 14.48
CA ALA A 218 -6.96 22.37 13.13
C ALA A 218 -7.65 23.73 13.01
N ALA A 219 -8.36 24.14 14.06
CA ALA A 219 -9.06 25.41 14.08
C ALA A 219 -8.10 26.61 14.07
N VAL A 220 -6.98 26.45 14.78
CA VAL A 220 -5.92 27.46 14.81
C VAL A 220 -5.41 27.76 13.41
N SER A 221 -5.08 26.70 12.66
CA SER A 221 -4.54 26.83 11.31
C SER A 221 -5.52 27.42 10.27
N LYS A 222 -6.82 27.45 10.61
CA LYS A 222 -7.81 28.08 9.74
C LYS A 222 -8.29 29.44 10.25
N GLY A 223 -7.50 30.07 11.13
CA GLY A 223 -7.77 31.43 11.57
C GLY A 223 -8.21 31.62 13.01
N HIS A 224 -8.91 30.63 13.56
CA HIS A 224 -9.44 30.72 14.93
C HIS A 224 -8.31 30.57 15.96
N GLU A 225 -7.70 31.68 16.33
CA GLU A 225 -6.49 31.68 17.18
C GLU A 225 -6.77 31.52 18.67
N ASN A 226 -8.02 31.78 19.08
CA ASN A 226 -8.43 31.59 20.48
C ASN A 226 -8.87 30.15 20.76
N ALA A 227 -8.85 29.31 19.73
CA ALA A 227 -9.35 27.94 19.83
C ALA A 227 -8.47 27.03 20.67
N THR A 228 -9.06 26.47 21.72
CA THR A 228 -8.41 25.44 22.53
C THR A 228 -9.19 24.13 22.45
N ALA A 229 -8.59 23.05 22.94
CA ALA A 229 -9.22 21.75 22.99
C ALA A 229 -10.43 21.78 23.91
N GLU A 230 -10.25 22.42 25.06
CA GLU A 230 -11.27 22.46 26.11
C GLU A 230 -12.50 23.28 25.72
N ASN A 231 -12.27 24.45 25.13
CA ASN A 231 -13.36 25.40 24.92
C ASN A 231 -13.47 25.97 23.51
N GLY A 232 -12.34 26.44 22.98
CA GLY A 232 -12.30 27.09 21.66
C GLY A 232 -12.86 26.23 20.54
N PRO A 233 -13.26 26.86 19.41
CA PRO A 233 -13.92 26.19 18.28
C PRO A 233 -13.13 25.01 17.69
N TRP A 234 -13.82 24.14 16.97
CA TRP A 234 -13.21 22.91 16.46
C TRP A 234 -13.57 22.68 14.99
N ILE A 235 -12.59 22.21 14.21
CA ILE A 235 -12.80 21.90 12.80
C ILE A 235 -12.71 20.38 12.56
N ILE A 236 -13.76 19.82 11.97
CA ILE A 236 -13.85 18.38 11.64
C ILE A 236 -13.55 18.17 10.16
N THR A 237 -12.59 17.30 9.87
CA THR A 237 -12.22 16.99 8.48
C THR A 237 -12.44 15.51 8.17
N LEU A 238 -12.26 15.14 6.89
CA LEU A 238 -12.50 13.77 6.45
C LEU A 238 -11.28 12.88 6.35
N ASP A 239 -10.10 13.39 6.67
CA ASP A 239 -8.93 12.52 6.80
C ASP A 239 -9.11 11.60 8.00
N ALA A 240 -8.54 10.40 7.89
CA ALA A 240 -8.75 9.34 8.87
C ALA A 240 -8.60 9.71 10.37
N PRO A 241 -7.50 10.40 10.76
CA PRO A 241 -7.35 10.74 12.19
C PRO A 241 -8.44 11.67 12.77
N SER A 242 -9.17 12.35 11.88
CA SER A 242 -10.30 13.19 12.27
C SER A 242 -11.64 12.45 12.13
N TYR A 243 -11.83 11.83 10.96
CA TYR A 243 -13.05 11.09 10.64
C TYR A 243 -13.35 9.95 11.61
N LEU A 244 -12.36 9.10 11.88
CA LEU A 244 -12.58 7.92 12.72
C LEU A 244 -13.05 8.25 14.15
N PRO A 245 -12.39 9.20 14.85
CA PRO A 245 -12.85 9.57 16.19
C PRO A 245 -14.29 10.07 16.25
N VAL A 246 -14.74 10.76 15.20
CA VAL A 246 -16.14 11.20 15.10
C VAL A 246 -17.05 9.97 15.03
N MET A 247 -16.75 9.05 14.11
CA MET A 247 -17.60 7.86 13.95
C MET A 247 -17.55 6.94 15.17
N GLN A 248 -16.42 6.94 15.87
CA GLN A 248 -16.27 6.13 17.08
C GLN A 248 -16.93 6.72 18.32
N HIS A 249 -16.95 8.05 18.42
CA HIS A 249 -17.22 8.71 19.71
C HIS A 249 -18.31 9.77 19.76
N ALA A 250 -18.71 10.33 18.62
CA ALA A 250 -19.72 11.39 18.62
C ALA A 250 -21.06 10.85 19.08
N LYS A 251 -21.54 11.34 20.23
CA LYS A 251 -22.84 10.92 20.76
C LYS A 251 -23.98 11.52 19.96
N ASN A 252 -23.69 12.64 19.28
CA ASN A 252 -24.67 13.30 18.42
C ASN A 252 -24.83 12.46 17.16
N ARG A 253 -25.94 11.71 17.09
CA ARG A 253 -26.21 10.82 15.96
C ARG A 253 -26.34 11.56 14.63
N ALA A 254 -26.91 12.76 14.67
CA ALA A 254 -27.00 13.61 13.48
C ALA A 254 -25.63 13.98 12.93
N LEU A 255 -24.67 14.25 13.82
CA LEU A 255 -23.30 14.54 13.40
C LEU A 255 -22.65 13.30 12.76
N ARG A 256 -22.85 12.14 13.36
CA ARG A 256 -22.36 10.88 12.78
C ARG A 256 -22.91 10.64 11.37
N GLU A 257 -24.22 10.84 11.18
CA GLU A 257 -24.83 10.65 9.88
C GLU A 257 -24.25 11.61 8.84
N GLU A 258 -24.12 12.89 9.21
CA GLU A 258 -23.57 13.90 8.32
C GLU A 258 -22.14 13.59 7.87
N VAL A 259 -21.26 13.35 8.85
CA VAL A 259 -19.87 13.02 8.58
C VAL A 259 -19.74 11.72 7.79
N TYR A 260 -20.55 10.71 8.14
CA TYR A 260 -20.57 9.45 7.41
C TYR A 260 -20.95 9.68 5.94
N ARG A 261 -22.07 10.36 5.72
CA ARG A 261 -22.56 10.67 4.37
C ARG A 261 -21.56 11.49 3.55
N ALA A 262 -20.90 12.45 4.19
CA ALA A 262 -19.84 13.23 3.53
C ALA A 262 -18.64 12.34 3.11
N TYR A 263 -18.18 11.48 4.03
CA TYR A 263 -17.09 10.57 3.73
C TYR A 263 -17.45 9.64 2.57
N LEU A 264 -18.67 9.12 2.62
CA LEU A 264 -19.14 8.13 1.66
C LEU A 264 -19.41 8.68 0.27
N SER A 265 -19.50 10.01 0.17
CA SER A 265 -19.79 10.64 -1.11
C SER A 265 -18.61 11.45 -1.65
N ARG A 266 -17.43 11.28 -1.06
CA ARG A 266 -16.23 11.97 -1.55
C ARG A 266 -16.02 11.69 -3.04
N ALA A 267 -15.75 12.75 -3.79
CA ALA A 267 -15.40 12.66 -5.22
C ALA A 267 -16.46 11.95 -6.06
N SER A 268 -17.73 12.31 -5.85
CA SER A 268 -18.85 11.61 -6.49
C SER A 268 -19.88 12.56 -7.12
N SER A 269 -19.55 13.84 -7.17
CA SER A 269 -20.46 14.83 -7.74
C SER A 269 -19.66 16.05 -8.17
N GLY A 270 -20.25 16.85 -9.06
CA GLY A 270 -19.63 18.08 -9.54
C GLY A 270 -18.27 17.87 -10.17
N ASP A 271 -17.39 18.85 -9.98
CA ASP A 271 -16.06 18.87 -10.60
C ASP A 271 -15.20 17.66 -10.20
N LEU A 272 -15.41 17.13 -9.00
CA LEU A 272 -14.52 16.08 -8.49
C LEU A 272 -15.10 14.67 -8.66
N ASP A 273 -16.18 14.56 -9.42
CA ASP A 273 -16.86 13.27 -9.64
C ASP A 273 -15.93 12.27 -10.32
N ASN A 274 -15.77 11.10 -9.69
CA ASN A 274 -14.96 10.01 -10.25
C ASN A 274 -15.81 8.95 -10.96
N THR A 275 -17.13 9.15 -11.03
CA THR A 275 -18.04 8.13 -11.61
C THR A 275 -17.76 7.87 -13.08
N ALA A 276 -17.72 8.94 -13.88
CA ALA A 276 -17.48 8.82 -15.32
C ALA A 276 -16.06 8.36 -15.61
N ILE A 277 -15.13 8.76 -14.74
CA ILE A 277 -13.74 8.33 -14.83
C ILE A 277 -13.67 6.80 -14.65
N ILE A 278 -14.34 6.28 -13.62
CA ILE A 278 -14.44 4.83 -13.39
C ILE A 278 -15.03 4.13 -14.61
N ASP A 279 -16.16 4.65 -15.11
CA ASP A 279 -16.81 4.06 -16.30
C ASP A 279 -15.86 3.96 -17.49
N GLN A 280 -15.06 5.00 -17.70
CA GLN A 280 -14.15 5.03 -18.84
C GLN A 280 -12.96 4.08 -18.61
N ILE A 281 -12.45 4.05 -17.38
CA ILE A 281 -11.39 3.12 -17.01
C ILE A 281 -11.81 1.68 -17.33
N LEU A 282 -13.00 1.29 -16.87
CA LEU A 282 -13.48 -0.08 -17.10
C LEU A 282 -13.70 -0.39 -18.59
N LYS A 283 -14.26 0.57 -19.33
CA LYS A 283 -14.39 0.44 -20.79
C LYS A 283 -13.02 0.15 -21.45
N LEU A 284 -12.04 0.98 -21.15
CA LEU A 284 -10.69 0.87 -21.72
C LEU A 284 -9.99 -0.42 -21.31
N ARG A 285 -10.13 -0.80 -20.04
CA ARG A 285 -9.58 -2.07 -19.57
C ARG A 285 -10.14 -3.28 -20.34
N LEU A 286 -11.44 -3.27 -20.61
CA LEU A 286 -12.06 -4.33 -21.42
C LEU A 286 -11.56 -4.32 -22.89
N GLU A 287 -11.46 -3.13 -23.49
CA GLU A 287 -10.92 -3.01 -24.84
C GLU A 287 -9.49 -3.56 -24.91
N LYS A 288 -8.69 -3.23 -23.89
CA LYS A 288 -7.31 -3.72 -23.78
C LYS A 288 -7.29 -5.25 -23.70
N ALA A 289 -8.13 -5.82 -22.83
CA ALA A 289 -8.28 -7.27 -22.69
C ALA A 289 -8.58 -7.95 -24.03
N LYS A 290 -9.57 -7.43 -24.75
CA LYS A 290 -9.94 -7.97 -26.06
C LYS A 290 -8.78 -7.89 -27.05
N LEU A 291 -8.09 -6.75 -27.11
CA LEU A 291 -6.92 -6.62 -28.00
C LEU A 291 -5.87 -7.68 -27.72
N LEU A 292 -5.70 -8.01 -26.44
CA LEU A 292 -4.71 -9.02 -26.02
C LEU A 292 -5.23 -10.46 -26.09
N GLY A 293 -6.47 -10.63 -26.56
CA GLY A 293 -7.05 -11.95 -26.79
C GLY A 293 -7.65 -12.60 -25.57
N TYR A 294 -7.96 -11.80 -24.55
CA TYR A 294 -8.61 -12.30 -23.34
C TYR A 294 -10.09 -11.92 -23.34
N ASN A 295 -10.87 -12.57 -22.48
CA ASN A 295 -12.30 -12.30 -22.37
C ASN A 295 -12.63 -11.06 -21.55
N ASN A 296 -11.79 -10.78 -20.54
CA ASN A 296 -12.04 -9.64 -19.68
C ASN A 296 -10.75 -9.17 -19.03
N TYR A 297 -10.78 -8.04 -18.36
CA TYR A 297 -9.56 -7.50 -17.77
C TYR A 297 -9.01 -8.36 -16.62
N ALA A 298 -9.87 -9.02 -15.86
CA ALA A 298 -9.39 -9.90 -14.78
C ALA A 298 -8.43 -10.96 -15.29
N GLU A 299 -8.72 -11.51 -16.47
CA GLU A 299 -7.83 -12.50 -17.08
C GLU A 299 -6.48 -11.87 -17.41
N VAL A 300 -6.47 -10.62 -17.85
CA VAL A 300 -5.21 -9.91 -18.11
C VAL A 300 -4.43 -9.76 -16.80
N SER A 301 -5.13 -9.29 -15.77
CA SER A 301 -4.54 -9.12 -14.44
C SER A 301 -3.92 -10.42 -13.92
N MET A 302 -4.65 -11.52 -14.08
CA MET A 302 -4.19 -12.83 -13.58
C MET A 302 -2.96 -13.40 -14.28
N ALA A 303 -2.67 -12.92 -15.49
CA ALA A 303 -1.52 -13.41 -16.25
C ALA A 303 -0.24 -13.27 -15.46
N MET A 304 -0.13 -12.22 -14.65
CA MET A 304 1.06 -11.98 -13.84
C MET A 304 0.88 -12.34 -12.35
N LYS A 305 -0.17 -13.09 -12.03
CA LYS A 305 -0.43 -13.46 -10.63
C LYS A 305 -0.37 -14.97 -10.42
N MET A 306 -0.16 -15.38 -9.17
CA MET A 306 -0.25 -16.79 -8.76
C MET A 306 -1.64 -17.36 -9.06
N ALA A 307 -2.67 -16.55 -8.80
CA ALA A 307 -4.07 -17.00 -8.93
C ALA A 307 -4.56 -17.03 -10.37
N THR A 308 -5.76 -17.59 -10.54
CA THR A 308 -6.56 -17.41 -11.74
C THR A 308 -7.87 -16.82 -11.25
N VAL A 309 -8.72 -16.38 -12.16
CA VAL A 309 -10.03 -15.85 -11.75
C VAL A 309 -10.78 -16.89 -10.92
N GLU A 310 -10.79 -18.14 -11.41
CA GLU A 310 -11.46 -19.25 -10.72
C GLU A 310 -10.91 -19.48 -9.31
N LYS A 311 -9.59 -19.52 -9.18
CA LYS A 311 -8.95 -19.78 -7.88
C LYS A 311 -9.12 -18.63 -6.91
N ALA A 312 -9.08 -17.40 -7.42
CA ALA A 312 -9.30 -16.22 -6.56
C ALA A 312 -10.73 -16.22 -6.04
N ALA A 313 -11.69 -16.49 -6.93
CA ALA A 313 -13.09 -16.55 -6.54
C ALA A 313 -13.34 -17.66 -5.52
N GLU A 314 -12.65 -18.79 -5.68
N GLU A 314 -12.65 -18.79 -5.66
CA GLU A 314 -12.78 -19.92 -4.77
CA GLU A 314 -12.82 -19.90 -4.72
C GLU A 314 -12.31 -19.54 -3.35
C GLU A 314 -12.29 -19.59 -3.32
N LEU A 315 -11.17 -18.88 -3.25
CA LEU A 315 -10.63 -18.49 -1.94
C LEU A 315 -11.57 -17.52 -1.26
N LEU A 316 -12.03 -16.52 -2.02
CA LEU A 316 -12.98 -15.52 -1.49
C LEU A 316 -14.25 -16.19 -0.98
N GLU A 317 -14.79 -17.12 -1.75
CA GLU A 317 -16.00 -17.82 -1.31
C GLU A 317 -15.77 -18.68 -0.07
N LYS A 318 -14.63 -19.36 -0.02
CA LYS A 318 -14.23 -20.10 1.20
C LYS A 318 -14.13 -19.20 2.43
N LEU A 319 -13.46 -18.06 2.29
CA LEU A 319 -13.35 -17.13 3.43
C LEU A 319 -14.70 -16.50 3.77
N ARG A 320 -15.49 -16.20 2.75
CA ARG A 320 -16.83 -15.61 2.95
C ARG A 320 -17.70 -16.57 3.74
N SER A 321 -17.71 -17.84 3.34
N SER A 321 -17.70 -17.84 3.33
CA SER A 321 -18.49 -18.87 4.01
CA SER A 321 -18.49 -18.86 4.00
C SER A 321 -18.08 -19.03 5.47
C SER A 321 -18.08 -19.01 5.47
N ALA A 322 -16.78 -18.92 5.72
CA ALA A 322 -16.24 -19.02 7.08
C ALA A 322 -16.53 -17.79 7.95
N SER A 323 -16.85 -16.66 7.31
CA SER A 323 -17.02 -15.37 7.99
C SER A 323 -18.47 -15.00 8.24
N TRP A 324 -19.39 -15.56 7.44
CA TRP A 324 -20.78 -15.07 7.37
C TRP A 324 -21.53 -15.14 8.71
N ASP A 325 -21.54 -16.33 9.32
CA ASP A 325 -22.26 -16.51 10.58
C ASP A 325 -21.74 -15.62 11.70
N ALA A 326 -20.41 -15.47 11.76
CA ALA A 326 -19.76 -14.58 12.74
C ALA A 326 -20.18 -13.12 12.53
N ALA A 327 -20.23 -12.70 11.26
CA ALA A 327 -20.65 -11.35 10.91
C ALA A 327 -22.11 -11.07 11.28
N VAL A 328 -22.97 -12.06 11.07
CA VAL A 328 -24.37 -11.94 11.48
C VAL A 328 -24.44 -11.82 13.00
N GLN A 329 -23.69 -12.65 13.71
CA GLN A 329 -23.68 -12.59 15.17
C GLN A 329 -23.15 -11.26 15.68
N ASP A 330 -22.11 -10.73 15.03
CA ASP A 330 -21.57 -9.39 15.35
C ASP A 330 -22.68 -8.33 15.29
N MET A 331 -23.49 -8.41 14.22
CA MET A 331 -24.57 -7.45 14.02
C MET A 331 -25.59 -7.59 15.16
N GLU A 332 -25.93 -8.82 15.51
CA GLU A 332 -26.89 -9.05 16.59
C GLU A 332 -26.33 -8.59 17.94
N ASP A 333 -25.02 -8.78 18.14
CA ASP A 333 -24.34 -8.32 19.35
C ASP A 333 -24.44 -6.81 19.51
N LEU A 334 -24.28 -6.08 18.40
CA LEU A 334 -24.36 -4.62 18.44
C LEU A 334 -25.75 -4.18 18.81
N LYS A 335 -26.74 -4.84 18.20
CA LYS A 335 -28.14 -4.50 18.46
C LYS A 335 -28.50 -4.73 19.93
N SER A 336 -28.13 -5.90 20.45
N SER A 336 -28.12 -5.90 20.45
CA SER A 336 -28.34 -6.27 21.84
CA SER A 336 -28.38 -6.23 21.85
C SER A 336 -27.71 -5.26 22.80
C SER A 336 -27.72 -5.24 22.81
N PHE A 337 -26.46 -4.90 22.55
CA PHE A 337 -25.74 -3.96 23.40
C PHE A 337 -26.39 -2.56 23.39
N ALA A 338 -26.65 -2.03 22.19
CA ALA A 338 -27.29 -0.73 22.07
C ALA A 338 -28.65 -0.75 22.77
N LYS A 339 -29.43 -1.82 22.56
CA LYS A 339 -30.74 -1.93 23.21
C LYS A 339 -30.64 -1.93 24.73
N ASN A 340 -29.64 -2.62 25.26
CA ASN A 340 -29.40 -2.69 26.70
C ASN A 340 -28.93 -1.36 27.27
N GLN A 341 -28.50 -0.45 26.40
CA GLN A 341 -28.18 0.92 26.79
C GLN A 341 -29.37 1.88 26.66
N GLY A 342 -30.52 1.35 26.26
CA GLY A 342 -31.72 2.15 26.05
C GLY A 342 -31.66 3.04 24.81
N ALA A 343 -30.80 2.68 23.86
CA ALA A 343 -30.61 3.49 22.65
C ALA A 343 -31.78 3.34 21.68
N ALA A 344 -32.38 4.48 21.33
CA ALA A 344 -33.55 4.49 20.46
C ALA A 344 -33.24 3.88 19.09
N GLU A 345 -32.02 4.09 18.59
CA GLU A 345 -31.63 3.56 17.28
C GLU A 345 -31.38 2.04 17.25
N SER A 346 -31.46 1.39 18.41
CA SER A 346 -31.26 -0.07 18.46
C SER A 346 -32.31 -0.83 17.64
N ASP A 347 -33.46 -0.22 17.43
CA ASP A 347 -34.53 -0.80 16.61
C ASP A 347 -34.28 -0.61 15.11
N SER A 348 -33.32 0.25 14.76
CA SER A 348 -33.07 0.61 13.36
C SER A 348 -31.63 1.02 13.13
N MET A 349 -30.70 0.13 13.48
CA MET A 349 -29.27 0.43 13.40
C MET A 349 -28.87 0.64 11.95
N THR A 350 -28.10 1.70 11.72
CA THR A 350 -27.69 2.10 10.38
C THR A 350 -26.18 2.11 10.28
N HIS A 351 -25.65 2.34 9.08
CA HIS A 351 -24.22 2.34 8.86
C HIS A 351 -23.48 3.41 9.67
N TRP A 352 -24.15 4.49 10.04
CA TRP A 352 -23.51 5.53 10.88
C TRP A 352 -23.63 5.26 12.39
N ASP A 353 -24.15 4.09 12.74
CA ASP A 353 -24.22 3.64 14.13
C ASP A 353 -23.19 2.55 14.44
N THR A 354 -22.71 1.88 13.39
CA THR A 354 -21.90 0.66 13.54
C THR A 354 -20.61 0.88 14.31
N THR A 355 -19.82 1.87 13.89
CA THR A 355 -18.52 2.13 14.48
C THR A 355 -18.65 2.59 15.93
N PHE A 356 -19.63 3.46 16.16
CA PHE A 356 -19.92 3.97 17.49
C PHE A 356 -20.25 2.85 18.48
N TRP A 357 -21.26 2.05 18.13
CA TRP A 357 -21.70 1.01 19.05
C TRP A 357 -20.69 -0.13 19.15
N SER A 358 -19.91 -0.34 18.09
CA SER A 358 -18.82 -1.32 18.15
C SER A 358 -17.80 -0.91 19.20
N GLU A 359 -17.48 0.39 19.23
CA GLU A 359 -16.53 0.91 20.21
C GLU A 359 -17.09 0.85 21.64
N ARG A 360 -18.35 1.21 21.82
CA ARG A 360 -19.00 1.08 23.12
C ARG A 360 -18.98 -0.37 23.60
N LEU A 361 -19.29 -1.30 22.70
CA LEU A 361 -19.28 -2.73 23.02
C LEU A 361 -17.88 -3.20 23.39
N ARG A 362 -16.89 -2.81 22.58
CA ARG A 362 -15.50 -3.16 22.84
C ARG A 362 -15.04 -2.68 24.21
N GLU A 363 -15.36 -1.43 24.54
CA GLU A 363 -15.03 -0.85 25.86
C GLU A 363 -15.66 -1.63 27.00
N SER A 364 -16.94 -1.96 26.87
CA SER A 364 -17.67 -2.66 27.91
C SER A 364 -17.20 -4.10 28.08
N LYS A 365 -17.07 -4.80 26.95
CA LYS A 365 -16.76 -6.22 26.97
C LYS A 365 -15.33 -6.51 27.40
N TYR A 366 -14.37 -5.71 26.94
CA TYR A 366 -12.95 -5.98 27.22
C TYR A 366 -12.33 -5.03 28.23
N ASP A 367 -13.08 -3.99 28.60
CA ASP A 367 -12.63 -3.00 29.58
C ASP A 367 -11.33 -2.29 29.14
N ILE A 368 -11.25 -2.00 27.84
CA ILE A 368 -10.16 -1.20 27.30
C ILE A 368 -10.67 0.02 26.58
N ASN A 369 -10.08 1.16 26.91
CA ASN A 369 -10.44 2.45 26.36
C ASN A 369 -9.25 2.95 25.55
N GLU A 370 -9.46 3.13 24.24
CA GLU A 370 -8.41 3.54 23.30
C GLU A 370 -7.65 4.80 23.73
N GLU A 371 -8.39 5.79 24.23
CA GLU A 371 -7.82 7.06 24.71
C GLU A 371 -6.80 6.84 25.82
N GLU A 372 -7.11 5.93 26.74
CA GLU A 372 -6.23 5.59 27.85
C GLU A 372 -5.00 4.78 27.42
N LEU A 373 -5.09 4.11 26.27
CA LEU A 373 -3.95 3.36 25.73
C LEU A 373 -2.96 4.24 24.99
N ARG A 374 -3.46 5.31 24.38
CA ARG A 374 -2.62 6.20 23.55
C ARG A 374 -1.29 6.64 24.17
N PRO A 375 -1.28 7.01 25.48
CA PRO A 375 -0.03 7.43 26.10
C PRO A 375 1.05 6.35 26.10
N TYR A 376 0.65 5.08 25.94
CA TYR A 376 1.58 3.97 25.90
C TYR A 376 2.15 3.68 24.52
N PHE A 377 1.58 4.30 23.49
CA PHE A 377 2.02 4.04 22.13
C PHE A 377 2.55 5.30 21.43
N SER A 378 3.72 5.76 21.85
CA SER A 378 4.31 6.92 21.18
C SER A 378 5.21 6.46 20.06
N LEU A 379 5.23 7.20 18.98
CA LEU A 379 5.98 6.78 17.80
C LEU A 379 7.45 6.44 18.06
N PRO A 380 8.18 7.27 18.83
CA PRO A 380 9.59 6.92 19.05
C PRO A 380 9.79 5.55 19.73
N LYS A 381 8.95 5.23 20.71
CA LYS A 381 9.03 3.93 21.40
C LYS A 381 8.57 2.78 20.49
N VAL A 382 7.60 3.06 19.64
CA VAL A 382 7.09 2.08 18.67
C VAL A 382 8.24 1.74 17.71
N MET A 383 8.91 2.77 17.20
CA MET A 383 10.02 2.51 16.27
C MET A 383 11.16 1.74 16.96
N ASP A 384 11.51 2.14 18.19
CA ASP A 384 12.53 1.42 18.97
C ASP A 384 12.19 -0.07 19.11
N GLY A 385 10.95 -0.37 19.49
CA GLY A 385 10.50 -1.75 19.64
C GLY A 385 10.50 -2.52 18.34
N LEU A 386 10.06 -1.86 17.26
CA LEU A 386 10.06 -2.48 15.95
C LEU A 386 11.48 -2.83 15.51
N PHE A 387 12.42 -1.93 15.75
CA PHE A 387 13.82 -2.17 15.37
C PHE A 387 14.44 -3.28 16.21
N SER A 388 14.07 -3.31 17.49
CA SER A 388 14.50 -4.40 18.37
C SER A 388 14.00 -5.76 17.86
N LEU A 389 12.73 -5.83 17.48
CA LEU A 389 12.18 -7.04 16.87
C LEU A 389 12.94 -7.44 15.61
N ALA A 390 13.23 -6.46 14.74
CA ALA A 390 13.93 -6.71 13.48
C ALA A 390 15.34 -7.26 13.73
N LYS A 391 15.98 -6.78 14.79
CA LYS A 391 17.28 -7.31 15.21
C LYS A 391 17.16 -8.77 15.67
N THR A 392 16.15 -9.05 16.49
CA THR A 392 15.93 -10.41 17.00
C THR A 392 15.62 -11.39 15.86
N LEU A 393 14.69 -11.02 14.99
CA LEU A 393 14.29 -11.91 13.91
C LEU A 393 15.33 -12.03 12.80
N PHE A 394 15.91 -10.91 12.40
CA PHE A 394 16.60 -10.84 11.11
C PHE A 394 18.07 -10.43 11.18
N GLY A 395 18.54 -10.14 12.39
CA GLY A 395 19.95 -9.84 12.64
C GLY A 395 20.43 -8.49 12.14
N ILE A 396 19.51 -7.55 11.92
CA ILE A 396 19.90 -6.23 11.41
C ILE A 396 19.85 -5.17 12.52
N ASP A 397 20.73 -4.18 12.42
CA ASP A 397 20.73 -3.03 13.32
C ASP A 397 20.28 -1.81 12.55
N ILE A 398 19.33 -1.08 13.10
CA ILE A 398 18.76 0.09 12.41
C ILE A 398 19.02 1.29 13.29
N GLU A 399 19.57 2.35 12.70
CA GLU A 399 19.85 3.55 13.46
C GLU A 399 19.48 4.81 12.66
N PRO A 400 19.19 5.91 13.37
CA PRO A 400 18.89 7.18 12.68
C PRO A 400 20.09 7.65 11.86
N ALA A 401 19.82 8.19 10.67
CA ALA A 401 20.88 8.70 9.81
C ALA A 401 20.48 10.06 9.23
N ASP A 402 19.66 10.80 9.97
CA ASP A 402 19.14 12.08 9.46
C ASP A 402 20.27 13.05 9.16
N GLY A 403 20.23 13.63 7.96
CA GLY A 403 21.31 14.48 7.48
C GLY A 403 22.04 13.85 6.32
N LEU A 404 22.05 12.52 6.27
CA LEU A 404 22.73 11.80 5.18
C LEU A 404 22.04 11.99 3.85
N ALA A 405 20.71 11.96 3.87
CA ALA A 405 19.90 12.11 2.65
C ALA A 405 19.00 13.33 2.74
N PRO A 406 18.89 14.10 1.63
CA PRO A 406 17.92 15.20 1.54
C PRO A 406 16.48 14.72 1.74
N VAL A 407 15.66 15.50 2.43
CA VAL A 407 14.25 15.14 2.63
C VAL A 407 13.32 16.30 2.22
N TRP A 408 12.03 16.01 2.12
CA TRP A 408 11.05 16.93 1.54
C TRP A 408 10.22 17.66 2.62
N ASN A 409 10.32 17.19 3.85
CA ASN A 409 9.54 17.73 4.96
C ASN A 409 10.32 17.50 6.26
N ASN A 410 10.25 18.45 7.20
CA ASN A 410 10.99 18.34 8.47
C ASN A 410 10.56 17.15 9.34
N ASP A 411 9.42 16.54 9.04
CA ASP A 411 8.96 15.38 9.82
C ASP A 411 9.48 14.05 9.27
N VAL A 412 10.17 14.09 8.14
CA VAL A 412 10.64 12.84 7.51
C VAL A 412 11.88 12.30 8.23
N ARG A 413 11.80 11.06 8.68
CA ARG A 413 12.93 10.39 9.31
C ARG A 413 13.70 9.59 8.27
N PHE A 414 15.00 9.43 8.50
CA PHE A 414 15.84 8.65 7.61
C PHE A 414 16.71 7.74 8.46
N TYR A 415 16.84 6.48 8.02
CA TYR A 415 17.55 5.46 8.78
C TYR A 415 18.51 4.67 7.93
N ARG A 416 19.59 4.24 8.58
CA ARG A 416 20.58 3.32 8.03
C ARG A 416 20.34 1.93 8.63
N VAL A 417 20.39 0.91 7.78
CA VAL A 417 20.23 -0.49 8.17
C VAL A 417 21.60 -1.15 8.01
N LYS A 418 22.08 -1.79 9.06
CA LYS A 418 23.41 -2.40 9.07
C LYS A 418 23.29 -3.88 9.33
N ASP A 419 24.20 -4.67 8.77
CA ASP A 419 24.30 -6.09 9.12
C ASP A 419 25.06 -6.24 10.44
N SER A 420 25.26 -7.48 10.88
CA SER A 420 25.94 -7.74 12.16
C SER A 420 27.37 -7.24 12.26
N SER A 421 28.04 -7.07 11.11
CA SER A 421 29.41 -6.56 11.11
C SER A 421 29.48 -5.03 11.14
N GLY A 422 28.31 -4.38 11.09
CA GLY A 422 28.26 -2.92 11.10
C GLY A 422 28.31 -2.31 9.72
N ASN A 423 28.26 -3.15 8.68
CA ASN A 423 28.23 -2.67 7.30
C ASN A 423 26.82 -2.24 6.90
N PRO A 424 26.67 -1.02 6.36
CA PRO A 424 25.37 -0.64 5.81
C PRO A 424 24.93 -1.60 4.72
N ILE A 425 23.66 -1.99 4.76
CA ILE A 425 23.10 -2.82 3.72
C ILE A 425 21.91 -2.16 3.03
N ALA A 426 21.34 -1.13 3.65
CA ALA A 426 20.15 -0.46 3.11
C ALA A 426 19.82 0.79 3.90
N TYR A 427 18.87 1.56 3.37
CA TYR A 427 18.36 2.77 4.01
C TYR A 427 16.87 2.90 3.76
N PHE A 428 16.20 3.67 4.61
CA PHE A 428 14.81 4.04 4.33
C PHE A 428 14.41 5.38 4.92
N TYR A 429 13.46 6.02 4.24
CA TYR A 429 12.77 7.21 4.71
C TYR A 429 11.45 6.81 5.35
N PHE A 430 10.99 7.61 6.32
CA PHE A 430 9.69 7.38 6.93
C PHE A 430 8.99 8.74 7.10
N ASP A 431 7.83 8.90 6.42
CA ASP A 431 7.01 10.14 6.49
C ASP A 431 5.68 9.77 7.20
N PRO A 432 5.61 9.98 8.53
CA PRO A 432 4.59 9.29 9.35
C PRO A 432 3.20 9.92 9.54
N TYR A 433 3.08 11.23 9.38
CA TYR A 433 1.88 11.92 9.86
C TYR A 433 0.92 12.35 8.76
N SER A 434 -0.37 12.33 9.07
CA SER A 434 -1.41 12.88 8.20
C SER A 434 -1.10 14.34 7.86
N ARG A 435 -1.26 14.69 6.58
CA ARG A 435 -0.95 16.03 6.09
C ARG A 435 -1.87 16.29 4.88
N PRO A 436 -3.19 16.39 5.12
CA PRO A 436 -4.15 16.24 4.01
C PRO A 436 -4.14 17.39 2.98
N SER A 437 -3.51 18.50 3.29
CA SER A 437 -3.39 19.61 2.34
C SER A 437 -2.57 19.23 1.10
N GLU A 438 -1.66 18.27 1.24
CA GLU A 438 -0.69 17.98 0.17
C GLU A 438 -0.33 16.50 0.01
N LYS A 439 -0.82 15.65 0.93
CA LYS A 439 -0.32 14.27 1.02
C LYS A 439 -1.46 13.25 0.90
N ARG A 440 -1.30 12.29 0.00
CA ARG A 440 -2.26 11.21 -0.22
C ARG A 440 -2.55 10.47 1.08
N GLY A 441 -3.80 10.05 1.24
CA GLY A 441 -4.23 9.28 2.42
C GLY A 441 -3.75 7.84 2.42
N GLY A 442 -4.04 7.13 3.49
CA GLY A 442 -3.66 5.73 3.60
C GLY A 442 -2.23 5.55 4.08
N ALA A 443 -1.64 4.43 3.68
CA ALA A 443 -0.26 4.13 4.06
C ALA A 443 0.30 3.22 3.00
N TRP A 444 1.61 3.35 2.74
CA TRP A 444 2.24 2.58 1.68
C TRP A 444 3.76 2.55 1.82
N MET A 445 4.35 1.67 1.04
CA MET A 445 5.79 1.60 0.86
C MET A 445 6.06 1.79 -0.63
N ASP A 446 7.19 2.40 -0.95
CA ASP A 446 7.58 2.58 -2.34
C ASP A 446 9.09 2.32 -2.43
N GLU A 447 9.55 1.88 -3.58
CA GLU A 447 11.00 1.77 -3.80
C GLU A 447 11.60 3.14 -4.09
N VAL A 448 12.81 3.39 -3.59
CA VAL A 448 13.58 4.58 -3.98
C VAL A 448 14.62 4.20 -5.04
N VAL A 449 15.53 3.30 -4.66
CA VAL A 449 16.44 2.63 -5.61
C VAL A 449 16.49 1.14 -5.25
N SER A 450 16.70 0.29 -6.25
CA SER A 450 16.81 -1.15 -6.02
C SER A 450 18.24 -1.56 -5.69
N ARG A 451 18.36 -2.69 -5.00
CA ARG A 451 19.65 -3.38 -4.89
C ARG A 451 20.04 -3.83 -6.30
N SER A 452 21.25 -3.48 -6.73
CA SER A 452 21.64 -3.74 -8.12
C SER A 452 23.15 -3.79 -8.33
N ARG A 453 23.63 -4.89 -8.93
N ARG A 453 23.60 -4.88 -8.94
CA ARG A 453 25.04 -4.99 -9.34
CA ARG A 453 24.99 -5.06 -9.35
C ARG A 453 25.32 -4.00 -10.47
C ARG A 453 25.36 -4.12 -10.51
N VAL A 454 24.44 -3.97 -11.46
CA VAL A 454 24.64 -3.09 -12.62
C VAL A 454 24.77 -1.62 -12.24
N MET A 455 23.97 -1.18 -11.26
CA MET A 455 23.95 0.23 -10.90
C MET A 455 24.94 0.61 -9.79
N ALA A 456 25.84 -0.31 -9.45
CA ALA A 456 26.84 -0.05 -8.42
C ALA A 456 27.81 1.01 -8.90
N GLN A 457 28.35 1.76 -7.94
CA GLN A 457 29.47 2.65 -8.18
C GLN A 457 30.71 1.86 -8.58
N LYS A 458 31.55 2.46 -9.42
CA LYS A 458 32.84 1.87 -9.76
C LYS A 458 33.57 1.49 -8.47
N GLY A 459 34.05 0.25 -8.41
CA GLY A 459 34.77 -0.23 -7.23
C GLY A 459 33.96 -1.09 -6.28
N SER A 460 32.68 -0.77 -6.11
CA SER A 460 31.82 -1.54 -5.20
C SER A 460 30.94 -2.54 -5.95
N SER A 461 30.53 -3.60 -5.27
CA SER A 461 29.89 -4.72 -5.94
C SER A 461 28.39 -4.49 -6.22
N VAL A 462 27.76 -3.65 -5.41
CA VAL A 462 26.31 -3.48 -5.48
C VAL A 462 25.86 -2.07 -5.04
N ARG A 463 24.83 -1.52 -5.68
CA ARG A 463 24.15 -0.35 -5.13
C ARG A 463 23.20 -0.84 -4.04
N LEU A 464 23.24 -0.21 -2.86
CA LEU A 464 22.39 -0.62 -1.76
C LEU A 464 20.95 -0.12 -1.94
N PRO A 465 19.96 -0.95 -1.56
CA PRO A 465 18.56 -0.59 -1.75
C PRO A 465 18.09 0.49 -0.77
N VAL A 466 17.15 1.32 -1.20
CA VAL A 466 16.59 2.37 -0.38
C VAL A 466 15.06 2.36 -0.57
N ALA A 467 14.32 2.45 0.53
CA ALA A 467 12.84 2.38 0.51
C ALA A 467 12.17 3.60 1.14
N HIS A 468 10.91 3.80 0.77
CA HIS A 468 10.01 4.77 1.44
C HIS A 468 9.00 4.02 2.27
N MET A 469 8.76 4.48 3.51
CA MET A 469 7.56 4.12 4.25
C MET A 469 6.77 5.40 4.45
N VAL A 470 5.45 5.34 4.21
CA VAL A 470 4.61 6.51 4.41
C VAL A 470 3.38 6.07 5.18
N CYS A 471 3.11 6.77 6.28
CA CYS A 471 1.87 6.56 7.02
C CYS A 471 1.12 7.87 7.11
N ASN A 472 -0.09 7.83 7.68
CA ASN A 472 -0.89 9.05 7.85
C ASN A 472 -1.51 9.05 9.24
N GLN A 473 -0.67 8.83 10.23
CA GLN A 473 -1.19 8.67 11.58
C GLN A 473 -1.49 10.02 12.20
N THR A 474 -2.24 9.97 13.29
CA THR A 474 -2.54 11.17 14.04
C THR A 474 -1.25 11.97 14.24
N PRO A 475 -1.30 13.27 13.90
CA PRO A 475 -0.16 14.16 14.07
C PRO A 475 0.12 14.42 15.54
N PRO A 476 1.36 14.83 15.88
CA PRO A 476 1.67 15.28 17.23
C PRO A 476 0.75 16.42 17.65
N VAL A 477 0.36 16.43 18.92
CA VAL A 477 -0.45 17.52 19.49
C VAL A 477 0.45 18.39 20.38
N GLY A 478 0.61 19.65 19.98
CA GLY A 478 1.43 20.60 20.75
C GLY A 478 2.90 20.25 20.73
N ASP A 479 3.41 19.79 21.87
CA ASP A 479 4.83 19.48 22.05
C ASP A 479 5.10 17.98 22.24
N LYS A 480 4.03 17.24 22.56
CA LYS A 480 4.11 15.79 22.83
C LYS A 480 4.44 14.99 21.57
N PRO A 481 4.95 13.74 21.72
CA PRO A 481 5.16 12.91 20.54
C PRO A 481 3.82 12.47 19.96
N SER A 482 3.84 11.87 18.77
CA SER A 482 2.63 11.30 18.18
C SER A 482 2.19 10.12 19.05
N LEU A 483 0.98 10.20 19.57
CA LEU A 483 0.41 9.15 20.40
C LEU A 483 -0.57 8.36 19.56
N MET A 484 -0.42 7.03 19.56
CA MET A 484 -1.01 6.21 18.52
C MET A 484 -2.11 5.29 19.02
N THR A 485 -2.98 4.89 18.10
CA THR A 485 -3.89 3.79 18.34
C THR A 485 -3.17 2.49 17.98
N PHE A 486 -3.71 1.37 18.44
CA PHE A 486 -3.16 0.06 18.12
C PHE A 486 -3.17 -0.17 16.60
N ARG A 487 -4.25 0.23 15.91
CA ARG A 487 -4.31 0.12 14.45
C ARG A 487 -3.16 0.88 13.78
N GLU A 488 -2.83 2.06 14.30
CA GLU A 488 -1.72 2.84 13.75
C GLU A 488 -0.39 2.15 13.95
N VAL A 489 -0.25 1.45 15.09
CA VAL A 489 0.95 0.64 15.33
C VAL A 489 1.03 -0.47 14.28
N GLU A 490 -0.07 -1.18 14.05
CA GLU A 490 -0.10 -2.25 13.05
C GLU A 490 0.25 -1.74 11.67
N THR A 491 -0.24 -0.54 11.33
CA THR A 491 0.04 0.05 10.04
C THR A 491 1.54 0.31 9.83
N VAL A 492 2.21 0.79 10.87
CA VAL A 492 3.68 0.97 10.80
C VAL A 492 4.39 -0.38 10.59
N PHE A 493 4.00 -1.39 11.36
CA PHE A 493 4.59 -2.74 11.22
C PHE A 493 4.39 -3.25 9.79
N HIS A 494 3.19 -3.01 9.24
CA HIS A 494 2.82 -3.44 7.87
C HIS A 494 3.76 -2.85 6.82
N GLN A 495 3.89 -1.53 6.83
CA GLN A 495 4.74 -0.89 5.81
C GLN A 495 6.20 -1.28 6.01
N PHE A 496 6.61 -1.47 7.26
CA PHE A 496 7.99 -1.90 7.56
C PHE A 496 8.27 -3.29 6.96
N GLY A 497 7.25 -4.15 6.97
CA GLY A 497 7.36 -5.47 6.32
C GLY A 497 7.69 -5.36 4.84
N HIS A 498 6.99 -4.48 4.13
CA HIS A 498 7.31 -4.20 2.73
C HIS A 498 8.75 -3.67 2.60
N ALA A 499 9.10 -2.70 3.46
CA ALA A 499 10.44 -2.09 3.40
C ALA A 499 11.52 -3.15 3.60
N LEU A 500 11.29 -4.07 4.54
CA LEU A 500 12.24 -5.18 4.75
C LEU A 500 12.47 -6.05 3.52
N GLN A 501 11.42 -6.37 2.76
CA GLN A 501 11.60 -7.22 1.59
C GLN A 501 12.41 -6.50 0.50
N HIS A 502 12.18 -5.20 0.39
CA HIS A 502 12.96 -4.37 -0.53
C HIS A 502 14.44 -4.28 -0.08
N MET A 503 14.64 -4.07 1.22
CA MET A 503 15.95 -3.73 1.78
C MET A 503 16.84 -4.91 2.07
N LEU A 504 16.25 -6.03 2.47
CA LEU A 504 17.02 -7.19 2.89
C LEU A 504 17.23 -8.21 1.76
N THR A 505 16.81 -7.84 0.56
CA THR A 505 16.97 -8.73 -0.60
C THR A 505 18.43 -9.11 -0.80
N LYS A 506 18.68 -10.38 -1.15
CA LYS A 506 20.05 -10.82 -1.44
C LYS A 506 20.29 -10.97 -2.93
N GLN A 507 19.28 -10.65 -3.73
CA GLN A 507 19.44 -10.66 -5.18
C GLN A 507 20.19 -9.40 -5.59
N ASP A 508 21.23 -9.55 -6.40
N ASP A 508 21.24 -9.59 -6.39
CA ASP A 508 21.87 -8.36 -6.96
CA ASP A 508 22.00 -8.51 -7.00
C ASP A 508 21.47 -8.15 -8.42
C ASP A 508 21.45 -8.15 -8.38
N GLU A 509 20.60 -9.02 -8.92
CA GLU A 509 20.00 -8.84 -10.25
C GLU A 509 18.87 -7.81 -10.10
N GLY A 510 19.19 -6.57 -10.47
CA GLY A 510 18.31 -5.43 -10.17
C GLY A 510 16.86 -5.60 -10.61
N LEU A 511 16.64 -6.19 -11.79
CA LEU A 511 15.29 -6.30 -12.31
C LEU A 511 14.38 -7.31 -11.60
N VAL A 512 14.96 -8.17 -10.76
CA VAL A 512 14.18 -9.10 -9.91
C VAL A 512 14.48 -8.99 -8.39
N ALA A 513 15.14 -7.89 -8.01
CA ALA A 513 15.55 -7.64 -6.63
C ALA A 513 14.41 -7.05 -5.81
N GLY A 514 14.44 -7.31 -4.50
CA GLY A 514 13.54 -6.60 -3.57
C GLY A 514 12.15 -7.18 -3.65
N ILE A 515 11.22 -6.39 -4.17
CA ILE A 515 9.83 -6.82 -4.39
C ILE A 515 9.55 -6.96 -5.89
N ARG A 516 10.55 -6.62 -6.72
CA ARG A 516 10.32 -6.68 -8.17
C ARG A 516 10.11 -8.09 -8.67
N ASN A 517 9.17 -8.23 -9.61
CA ASN A 517 8.82 -9.52 -10.19
C ASN A 517 8.22 -10.53 -9.18
N ILE A 518 7.82 -10.04 -8.01
CA ILE A 518 7.00 -10.88 -7.13
C ILE A 518 5.56 -10.76 -7.61
N GLU A 519 4.97 -11.88 -8.01
CA GLU A 519 3.54 -11.96 -8.35
C GLU A 519 2.73 -11.15 -7.33
N TRP A 520 1.85 -10.28 -7.82
CA TRP A 520 1.21 -9.27 -6.99
C TRP A 520 0.45 -9.87 -5.81
N ASP A 521 -0.11 -11.06 -5.99
CA ASP A 521 -0.83 -11.71 -4.91
C ASP A 521 0.05 -12.34 -3.83
N ALA A 522 1.37 -12.17 -3.96
CA ALA A 522 2.31 -12.52 -2.91
C ALA A 522 2.98 -11.31 -2.23
N VAL A 523 2.80 -10.10 -2.76
N VAL A 523 2.76 -10.12 -2.76
CA VAL A 523 3.55 -8.96 -2.19
CA VAL A 523 3.42 -8.89 -2.27
C VAL A 523 3.06 -8.52 -0.81
C VAL A 523 3.07 -8.58 -0.82
N GLU A 524 1.83 -8.89 -0.44
CA GLU A 524 1.31 -8.55 0.89
C GLU A 524 1.65 -9.61 1.94
N LEU A 525 2.55 -10.53 1.61
CA LEU A 525 3.03 -11.53 2.58
C LEU A 525 3.87 -10.91 3.70
N PRO A 526 5.04 -10.30 3.38
CA PRO A 526 5.87 -9.86 4.51
C PRO A 526 5.26 -8.74 5.33
N SER A 527 4.45 -7.90 4.69
CA SER A 527 3.77 -6.80 5.37
C SER A 527 2.75 -7.30 6.40
N GLN A 528 1.83 -8.16 5.96
CA GLN A 528 0.83 -8.71 6.87
C GLN A 528 1.47 -9.63 7.88
N PHE A 529 2.53 -10.32 7.48
CA PHE A 529 3.30 -11.13 8.42
C PHE A 529 3.76 -10.31 9.63
N MET A 530 4.32 -9.14 9.39
CA MET A 530 4.86 -8.31 10.48
C MET A 530 3.78 -7.90 11.47
N GLU A 531 2.55 -7.71 11.00
CA GLU A 531 1.46 -7.27 11.88
C GLU A 531 1.19 -8.24 13.05
N ASN A 532 1.46 -9.53 12.83
CA ASN A 532 1.25 -10.52 13.89
C ASN A 532 2.03 -10.25 15.17
N TRP A 533 3.20 -9.61 15.01
CA TRP A 533 4.12 -9.42 16.13
C TRP A 533 3.64 -8.33 17.09
N CYS A 534 2.66 -7.53 16.67
CA CYS A 534 2.03 -6.54 17.56
C CYS A 534 1.36 -7.19 18.78
N TYR A 535 1.03 -8.46 18.65
CA TYR A 535 0.39 -9.22 19.74
C TYR A 535 1.37 -10.12 20.49
N HIS A 536 2.61 -10.18 20.02
CA HIS A 536 3.65 -10.98 20.67
C HIS A 536 4.07 -10.24 21.94
N ARG A 537 3.93 -10.91 23.09
CA ARG A 537 4.08 -10.25 24.38
C ARG A 537 5.36 -9.43 24.52
N ASP A 538 6.51 -10.05 24.24
CA ASP A 538 7.79 -9.35 24.35
C ASP A 538 7.85 -8.11 23.47
N THR A 539 7.26 -8.20 22.28
CA THR A 539 7.28 -7.07 21.34
C THR A 539 6.38 -5.95 21.84
N LEU A 540 5.13 -6.29 22.19
CA LEU A 540 4.17 -5.30 22.66
C LEU A 540 4.70 -4.60 23.92
N MET A 541 5.23 -5.38 24.86
CA MET A 541 5.75 -4.82 26.12
C MET A 541 6.97 -3.95 25.92
N SER A 542 7.77 -4.24 24.90
CA SER A 542 8.95 -3.44 24.59
C SER A 542 8.54 -2.06 24.07
N ILE A 543 7.40 -2.01 23.38
CA ILE A 543 6.86 -0.77 22.82
C ILE A 543 6.04 0.04 23.83
N ALA A 544 5.22 -0.65 24.62
CA ALA A 544 4.19 0.02 25.42
C ALA A 544 4.71 0.58 26.73
N LYS A 545 5.41 1.71 26.62
CA LYS A 545 5.90 2.45 27.78
C LYS A 545 5.30 3.83 27.76
N HIS A 546 4.74 4.25 28.91
CA HIS A 546 4.13 5.58 29.02
C HIS A 546 5.11 6.66 28.58
N TYR A 547 4.65 7.59 27.75
CA TYR A 547 5.55 8.56 27.11
C TYR A 547 6.17 9.57 28.08
N GLU A 548 5.46 9.86 29.17
CA GLU A 548 6.00 10.72 30.23
C GLU A 548 6.66 9.87 31.29
N THR A 549 5.83 9.01 31.89
CA THR A 549 6.16 8.22 33.07
C THR A 549 7.24 7.16 32.81
N GLY A 550 7.24 6.54 31.64
CA GLY A 550 8.20 5.51 31.29
C GLY A 550 7.81 4.11 31.77
N GLU A 551 6.72 4.01 32.52
CA GLU A 551 6.22 2.74 33.03
C GLU A 551 5.68 1.86 31.92
N THR A 552 5.93 0.55 32.05
CA THR A 552 5.46 -0.43 31.09
C THR A 552 3.96 -0.63 31.26
N LEU A 553 3.27 -0.84 30.15
CA LEU A 553 1.84 -1.17 30.19
C LEU A 553 1.60 -2.31 31.20
N PRO A 554 0.62 -2.13 32.10
CA PRO A 554 0.32 -3.21 33.05
C PRO A 554 -0.04 -4.52 32.35
N GLU A 555 0.39 -5.62 32.94
CA GLU A 555 0.09 -6.97 32.44
C GLU A 555 -1.41 -7.16 32.16
N GLU A 556 -2.25 -6.75 33.11
CA GLU A 556 -3.70 -6.93 32.98
C GLU A 556 -4.28 -6.23 31.72
N VAL A 557 -3.70 -5.09 31.34
CA VAL A 557 -4.10 -4.38 30.13
C VAL A 557 -3.70 -5.16 28.88
N TYR A 558 -2.47 -5.69 28.86
CA TYR A 558 -2.02 -6.52 27.75
C TYR A 558 -2.98 -7.69 27.54
N LYS A 559 -3.40 -8.32 28.63
CA LYS A 559 -4.33 -9.45 28.55
C LYS A 559 -5.66 -9.05 27.94
N LYS A 560 -6.14 -7.84 28.25
CA LYS A 560 -7.35 -7.31 27.64
C LYS A 560 -7.17 -7.07 26.14
N LEU A 561 -6.03 -6.49 25.75
CA LEU A 561 -5.72 -6.30 24.32
C LEU A 561 -5.71 -7.62 23.57
N LEU A 562 -5.10 -8.62 24.19
CA LEU A 562 -5.03 -9.97 23.64
C LEU A 562 -6.44 -10.57 23.48
N ALA A 563 -7.26 -10.42 24.51
CA ALA A 563 -8.65 -10.90 24.48
C ALA A 563 -9.49 -10.29 23.36
N ALA A 564 -9.19 -9.05 23.01
CA ALA A 564 -9.98 -8.28 22.04
C ALA A 564 -9.56 -8.51 20.59
N ARG A 565 -8.46 -9.24 20.39
CA ARG A 565 -7.92 -9.41 19.05
C ARG A 565 -8.94 -9.85 18.01
N THR A 566 -9.78 -10.83 18.36
CA THR A 566 -10.71 -11.42 17.40
C THR A 566 -12.10 -10.74 17.42
N PHE A 567 -12.23 -9.65 18.17
CA PHE A 567 -13.50 -8.92 18.23
C PHE A 567 -13.94 -8.48 16.84
N ARG A 568 -15.14 -8.89 16.47
CA ARG A 568 -15.71 -8.57 15.15
C ARG A 568 -14.86 -9.04 13.97
N ALA A 569 -14.07 -10.10 14.16
CA ALA A 569 -13.28 -10.66 13.06
C ALA A 569 -14.15 -11.02 11.85
N GLY A 570 -15.35 -11.55 12.09
CA GLY A 570 -16.26 -11.88 10.99
C GLY A 570 -16.66 -10.68 10.15
N SER A 571 -16.96 -9.57 10.83
CA SER A 571 -17.32 -8.32 10.17
C SER A 571 -16.15 -7.73 9.40
N PHE A 572 -14.96 -7.69 10.01
CA PHE A 572 -13.74 -7.17 9.35
C PHE A 572 -13.43 -8.00 8.11
N SER A 573 -13.55 -9.32 8.24
CA SER A 573 -13.31 -10.24 7.14
C SER A 573 -14.27 -9.99 5.97
N LEU A 574 -15.57 -9.97 6.27
CA LEU A 574 -16.58 -9.76 5.24
C LEU A 574 -16.38 -8.42 4.49
N ARG A 575 -15.97 -7.38 5.23
CA ARG A 575 -15.72 -6.07 4.64
C ARG A 575 -14.62 -6.16 3.57
N GLN A 576 -13.52 -6.85 3.90
CA GLN A 576 -12.43 -7.08 2.95
C GLN A 576 -12.89 -7.92 1.77
N LEU A 577 -13.70 -8.93 2.05
CA LEU A 577 -14.23 -9.80 0.98
C LEU A 577 -15.18 -9.05 0.05
N LYS A 578 -15.95 -8.11 0.60
CA LYS A 578 -16.80 -7.25 -0.23
C LYS A 578 -15.94 -6.44 -1.22
N PHE A 579 -14.89 -5.80 -0.71
CA PHE A 579 -13.97 -5.05 -1.58
C PHE A 579 -13.38 -5.94 -2.67
N ALA A 580 -12.89 -7.11 -2.29
CA ALA A 580 -12.26 -8.04 -3.25
C ALA A 580 -13.27 -8.57 -4.27
N SER A 581 -14.48 -8.84 -3.81
CA SER A 581 -15.50 -9.41 -4.69
C SER A 581 -16.04 -8.39 -5.68
N VAL A 582 -16.22 -7.14 -5.23
CA VAL A 582 -16.70 -6.08 -6.13
C VAL A 582 -15.65 -5.76 -7.20
N ASP A 583 -14.38 -5.74 -6.80
CA ASP A 583 -13.27 -5.58 -7.74
C ASP A 583 -13.31 -6.66 -8.83
N LEU A 584 -13.36 -7.92 -8.41
CA LEU A 584 -13.39 -9.03 -9.35
C LEU A 584 -14.62 -8.99 -10.25
N GLU A 585 -15.78 -8.74 -9.66
CA GLU A 585 -17.01 -8.64 -10.45
C GLU A 585 -16.97 -7.53 -11.50
N LEU A 586 -16.44 -6.36 -11.11
CA LEU A 586 -16.35 -5.23 -12.03
C LEU A 586 -15.44 -5.51 -13.24
N HIS A 587 -14.48 -6.41 -13.07
CA HIS A 587 -13.51 -6.70 -14.12
C HIS A 587 -13.75 -8.08 -14.77
N THR A 588 -14.89 -8.71 -14.49
CA THR A 588 -15.22 -9.99 -15.11
C THR A 588 -16.57 -9.91 -15.81
N LYS A 589 -17.65 -9.96 -15.03
CA LYS A 589 -19.01 -10.00 -15.57
C LYS A 589 -19.51 -8.65 -16.06
N TYR A 590 -19.10 -7.58 -15.40
CA TYR A 590 -19.60 -6.25 -15.72
C TYR A 590 -19.12 -5.76 -17.09
N VAL A 591 -20.05 -5.22 -17.86
CA VAL A 591 -19.73 -4.60 -19.15
C VAL A 591 -20.17 -3.13 -19.13
N PRO A 592 -19.22 -2.21 -19.32
CA PRO A 592 -19.57 -0.79 -19.28
C PRO A 592 -20.42 -0.38 -20.48
N GLY A 593 -21.25 0.63 -20.31
CA GLY A 593 -22.07 1.14 -21.42
C GLY A 593 -23.53 0.70 -21.42
N GLY A 594 -23.83 -0.40 -20.72
CA GLY A 594 -25.19 -0.90 -20.60
C GLY A 594 -26.02 -0.12 -19.58
N PRO A 595 -27.26 -0.60 -19.30
CA PRO A 595 -28.12 0.06 -18.33
C PRO A 595 -27.66 -0.12 -16.87
N GLU A 596 -26.89 -1.17 -16.60
CA GLU A 596 -26.36 -1.46 -15.27
C GLU A 596 -25.19 -0.52 -14.91
N SER A 597 -25.28 0.10 -13.74
CA SER A 597 -24.21 0.99 -13.26
C SER A 597 -23.24 0.25 -12.33
N ILE A 598 -22.12 0.88 -12.00
CA ILE A 598 -21.16 0.32 -11.05
C ILE A 598 -21.77 0.21 -9.66
N TYR A 599 -22.75 1.07 -9.38
CA TYR A 599 -23.41 1.06 -8.07
C TYR A 599 -24.41 -0.08 -7.97
N ASP A 600 -25.02 -0.46 -9.09
CA ASP A 600 -25.86 -1.66 -9.19
C ASP A 600 -25.03 -2.92 -8.93
N VAL A 601 -23.83 -2.97 -9.49
CA VAL A 601 -22.87 -4.05 -9.22
C VAL A 601 -22.54 -4.09 -7.73
N ASP A 602 -22.23 -2.92 -7.17
CA ASP A 602 -21.96 -2.77 -5.74
C ASP A 602 -23.10 -3.36 -4.91
N GLN A 603 -24.34 -2.98 -5.22
CA GLN A 603 -25.50 -3.50 -4.51
C GLN A 603 -25.65 -5.02 -4.61
N ARG A 604 -25.50 -5.58 -5.81
CA ARG A 604 -25.64 -7.03 -6.02
C ARG A 604 -24.59 -7.86 -5.26
N VAL A 605 -23.33 -7.47 -5.40
CA VAL A 605 -22.22 -8.17 -4.73
C VAL A 605 -22.37 -8.08 -3.20
N SER A 606 -22.92 -6.97 -2.71
CA SER A 606 -23.05 -6.74 -1.27
C SER A 606 -24.04 -7.68 -0.59
N VAL A 607 -24.96 -8.26 -1.36
CA VAL A 607 -25.99 -9.16 -0.81
C VAL A 607 -25.34 -10.31 -0.03
N LYS A 608 -24.29 -10.89 -0.59
CA LYS A 608 -23.63 -12.03 0.05
C LYS A 608 -22.39 -11.63 0.86
N THR A 609 -21.96 -10.37 0.76
CA THR A 609 -20.74 -9.93 1.45
C THR A 609 -20.95 -8.82 2.48
N GLN A 610 -22.20 -8.48 2.76
CA GLN A 610 -22.56 -7.54 3.83
C GLN A 610 -23.85 -8.03 4.47
N VAL A 611 -23.99 -7.82 5.78
CA VAL A 611 -25.19 -8.27 6.48
C VAL A 611 -26.38 -7.33 6.29
N ILE A 612 -26.10 -6.06 6.02
CA ILE A 612 -27.14 -5.11 5.59
C ILE A 612 -26.68 -4.40 4.31
N PRO A 613 -27.64 -3.99 3.46
CA PRO A 613 -27.29 -3.36 2.19
C PRO A 613 -26.57 -2.04 2.39
N PRO A 614 -25.74 -1.62 1.40
CA PRO A 614 -25.18 -0.28 1.44
C PRO A 614 -26.29 0.74 1.23
N LEU A 615 -26.08 1.98 1.68
CA LEU A 615 -27.02 3.07 1.36
C LEU A 615 -27.12 3.19 -0.17
N PRO A 616 -28.30 3.57 -0.69
CA PRO A 616 -28.36 3.83 -2.13
C PRO A 616 -27.38 4.94 -2.54
N GLU A 617 -27.13 5.88 -1.63
CA GLU A 617 -26.20 7.00 -1.87
C GLU A 617 -24.72 6.63 -1.67
N ASP A 618 -24.44 5.34 -1.45
CA ASP A 618 -23.06 4.90 -1.21
C ASP A 618 -22.21 5.09 -2.47
N ARG A 619 -21.11 5.83 -2.33
CA ARG A 619 -20.19 6.06 -3.45
C ARG A 619 -18.75 5.73 -3.08
N PHE A 620 -18.56 4.68 -2.29
CA PHE A 620 -17.23 4.29 -1.84
C PHE A 620 -16.32 4.02 -3.04
N LEU A 621 -16.90 3.53 -4.13
CA LEU A 621 -16.11 3.21 -5.35
C LEU A 621 -15.32 4.42 -5.88
N CYS A 622 -15.86 5.62 -5.64
CA CYS A 622 -15.22 6.86 -6.09
C CYS A 622 -13.93 7.19 -5.34
N SER A 623 -13.66 6.46 -4.28
N SER A 623 -13.65 6.46 -4.28
CA SER A 623 -12.43 6.64 -3.51
CA SER A 623 -12.41 6.65 -3.53
C SER A 623 -11.65 5.35 -3.38
C SER A 623 -11.58 5.38 -3.46
N PHE A 624 -12.00 4.35 -4.19
CA PHE A 624 -11.33 3.04 -4.18
C PHE A 624 -10.07 3.11 -5.05
N SER A 625 -9.09 3.88 -4.58
CA SER A 625 -7.86 4.13 -5.33
C SER A 625 -7.01 2.87 -5.57
N HIS A 626 -7.15 1.87 -4.71
CA HIS A 626 -6.45 0.58 -4.90
C HIS A 626 -6.67 0.01 -6.30
N ILE A 627 -7.91 0.12 -6.79
CA ILE A 627 -8.28 -0.54 -8.05
C ILE A 627 -8.43 0.40 -9.23
N PHE A 628 -8.48 1.70 -8.97
CA PHE A 628 -8.60 2.69 -10.06
C PHE A 628 -7.42 3.63 -10.21
N ALA A 629 -6.55 3.65 -9.20
CA ALA A 629 -5.34 4.47 -9.21
C ALA A 629 -4.25 3.78 -8.39
N GLY A 630 -4.10 2.48 -8.60
CA GLY A 630 -3.17 1.67 -7.82
C GLY A 630 -2.90 0.34 -8.50
N GLY A 631 -2.15 -0.51 -7.83
CA GLY A 631 -1.69 -1.77 -8.41
C GLY A 631 -2.66 -2.93 -8.30
N TYR A 632 -3.86 -2.68 -7.77
CA TYR A 632 -4.76 -3.77 -7.35
C TYR A 632 -6.01 -4.00 -8.21
N ALA A 633 -6.06 -3.45 -9.43
CA ALA A 633 -7.19 -3.69 -10.36
C ALA A 633 -7.32 -5.18 -10.66
N ALA A 634 -8.52 -5.73 -10.47
CA ALA A 634 -8.74 -7.19 -10.52
C ALA A 634 -7.63 -7.87 -9.70
N GLY A 635 -7.38 -7.33 -8.52
CA GLY A 635 -6.28 -7.80 -7.70
C GLY A 635 -6.39 -7.49 -6.23
N TYR A 636 -7.50 -6.86 -5.82
CA TYR A 636 -7.66 -6.54 -4.40
C TYR A 636 -7.66 -7.80 -3.54
N TYR A 637 -8.13 -8.91 -4.10
CA TYR A 637 -8.11 -10.21 -3.43
C TYR A 637 -6.67 -10.57 -3.00
N SER A 638 -5.68 -9.90 -3.60
CA SER A 638 -4.25 -10.13 -3.28
C SER A 638 -3.94 -10.04 -1.79
N TYR A 639 -4.65 -9.16 -1.08
CA TYR A 639 -4.48 -9.06 0.38
C TYR A 639 -4.82 -10.39 1.07
N LYS A 640 -6.02 -10.92 0.83
CA LYS A 640 -6.42 -12.17 1.47
C LYS A 640 -5.63 -13.38 0.99
N TRP A 641 -5.25 -13.37 -0.29
CA TRP A 641 -4.44 -14.45 -0.88
C TRP A 641 -3.10 -14.52 -0.12
N ALA A 642 -2.49 -13.36 0.07
CA ALA A 642 -1.20 -13.28 0.74
C ALA A 642 -1.36 -13.47 2.26
N GLU A 643 -2.54 -13.15 2.79
CA GLU A 643 -2.79 -13.31 4.24
C GLU A 643 -2.86 -14.78 4.65
N VAL A 644 -3.35 -15.63 3.74
CA VAL A 644 -3.24 -17.07 3.93
C VAL A 644 -1.75 -17.42 4.11
N LEU A 645 -0.92 -16.89 3.22
CA LEU A 645 0.53 -17.11 3.29
C LEU A 645 1.16 -16.53 4.55
N SER A 646 0.80 -15.30 4.90
CA SER A 646 1.41 -14.63 6.07
C SER A 646 1.05 -15.29 7.38
N ALA A 647 -0.21 -15.69 7.51
CA ALA A 647 -0.66 -16.36 8.73
C ALA A 647 0.03 -17.72 8.86
N ASP A 648 0.14 -18.43 7.75
CA ASP A 648 0.78 -19.74 7.76
C ASP A 648 2.27 -19.58 8.05
N ALA A 649 2.90 -18.57 7.45
CA ALA A 649 4.30 -18.28 7.79
C ALA A 649 4.45 -18.01 9.29
N PHE A 650 3.56 -17.22 9.85
CA PHE A 650 3.63 -16.94 11.30
C PHE A 650 3.47 -18.21 12.13
N SER A 651 2.63 -19.14 11.65
CA SER A 651 2.45 -20.43 12.33
C SER A 651 3.73 -21.28 12.39
N ALA A 652 4.71 -21.03 11.52
CA ALA A 652 6.02 -21.68 11.66
C ALA A 652 6.72 -21.26 12.97
N PHE A 653 6.54 -20.00 13.36
CA PHE A 653 7.07 -19.50 14.63
C PHE A 653 6.30 -20.09 15.81
N GLU A 654 4.97 -20.17 15.67
CA GLU A 654 4.14 -20.81 16.69
C GLU A 654 4.58 -22.26 16.91
N ASP A 655 4.79 -22.98 15.82
CA ASP A 655 5.23 -24.39 15.89
C ASP A 655 6.60 -24.49 16.56
N ALA A 656 7.51 -23.60 16.19
CA ALA A 656 8.89 -23.63 16.68
C ALA A 656 8.98 -23.28 18.17
N GLY A 657 8.07 -22.43 18.64
CA GLY A 657 8.03 -22.03 20.04
C GLY A 657 8.31 -20.55 20.20
N LEU A 658 7.26 -19.75 20.35
CA LEU A 658 7.40 -18.31 20.48
C LEU A 658 7.97 -17.89 21.82
N ASP A 659 7.96 -18.81 22.79
CA ASP A 659 8.56 -18.58 24.10
C ASP A 659 10.02 -19.03 24.18
N ASP A 660 10.59 -19.42 23.03
CA ASP A 660 11.92 -19.97 22.94
C ASP A 660 12.70 -19.06 22.00
N ILE A 661 13.51 -18.18 22.58
CA ILE A 661 14.25 -17.19 21.80
C ILE A 661 15.21 -17.81 20.77
N LYS A 662 15.76 -18.98 21.08
CA LYS A 662 16.62 -19.72 20.15
C LYS A 662 15.82 -20.12 18.90
N ALA A 663 14.62 -20.66 19.12
CA ALA A 663 13.71 -21.05 18.03
C ALA A 663 13.25 -19.84 17.21
N VAL A 664 12.91 -18.75 17.89
CA VAL A 664 12.49 -17.50 17.24
C VAL A 664 13.58 -16.96 16.30
N LYS A 665 14.82 -16.93 16.77
CA LYS A 665 15.95 -16.46 15.96
C LYS A 665 16.27 -17.38 14.80
N GLU A 666 16.23 -18.69 15.02
CA GLU A 666 16.50 -19.66 13.95
C GLU A 666 15.43 -19.56 12.87
N THR A 667 14.18 -19.46 13.29
CA THR A 667 13.07 -19.37 12.35
C THR A 667 13.10 -18.03 11.60
N GLY A 668 13.36 -16.96 12.35
CA GLY A 668 13.56 -15.61 11.79
C GLY A 668 14.63 -15.59 10.72
N GLN A 669 15.75 -16.27 10.97
CA GLN A 669 16.83 -16.31 9.97
C GLN A 669 16.37 -17.00 8.68
N ARG A 670 15.62 -18.09 8.80
N ARG A 670 15.62 -18.09 8.80
CA ARG A 670 15.11 -18.80 7.62
CA ARG A 670 15.11 -18.80 7.63
C ARG A 670 14.16 -17.89 6.82
C ARG A 670 14.13 -17.93 6.83
N PHE A 671 13.27 -17.20 7.53
CA PHE A 671 12.37 -16.21 6.91
C PHE A 671 13.17 -15.12 6.16
N ARG A 672 14.20 -14.60 6.83
CA ARG A 672 15.13 -13.62 6.26
C ARG A 672 15.81 -14.13 4.98
N ASN A 673 16.16 -15.41 4.97
CA ASN A 673 16.91 -15.99 3.86
C ASN A 673 16.04 -16.58 2.73
N THR A 674 14.72 -16.48 2.88
CA THR A 674 13.78 -16.97 1.87
C THR A 674 12.88 -15.82 1.42
N ILE A 675 11.82 -15.56 2.17
CA ILE A 675 10.85 -14.53 1.81
C ILE A 675 11.50 -13.15 1.65
N LEU A 676 12.38 -12.77 2.57
CA LEU A 676 12.96 -11.43 2.49
C LEU A 676 14.16 -11.35 1.54
N ALA A 677 14.77 -12.49 1.24
CA ALA A 677 16.03 -12.48 0.46
C ALA A 677 15.86 -12.63 -1.04
N LEU A 678 14.85 -13.38 -1.46
CA LEU A 678 14.87 -13.93 -2.82
C LEU A 678 14.19 -13.06 -3.86
N GLY A 679 13.53 -11.99 -3.41
CA GLY A 679 12.83 -11.07 -4.34
C GLY A 679 11.89 -11.83 -5.26
N GLY A 680 11.86 -11.42 -6.54
CA GLY A 680 11.11 -12.14 -7.58
C GLY A 680 11.99 -13.09 -8.38
N GLY A 681 13.14 -13.46 -7.79
CA GLY A 681 14.09 -14.36 -8.47
C GLY A 681 13.78 -15.84 -8.29
N LYS A 682 12.65 -16.12 -7.65
CA LYS A 682 12.15 -17.50 -7.50
C LYS A 682 10.65 -17.36 -7.36
N ALA A 683 9.88 -18.30 -7.92
CA ALA A 683 8.43 -18.24 -7.83
C ALA A 683 7.98 -18.18 -6.36
N PRO A 684 7.00 -17.32 -6.03
CA PRO A 684 6.63 -17.10 -4.63
C PRO A 684 6.17 -18.35 -3.90
N LEU A 685 5.48 -19.25 -4.60
CA LEU A 685 5.04 -20.48 -3.95
C LEU A 685 6.26 -21.30 -3.53
N LYS A 686 7.28 -21.34 -4.39
CA LYS A 686 8.51 -22.08 -4.10
C LYS A 686 9.27 -21.45 -2.94
N VAL A 687 9.29 -20.12 -2.90
CA VAL A 687 9.92 -19.39 -1.80
C VAL A 687 9.20 -19.73 -0.48
N PHE A 688 7.87 -19.68 -0.53
CA PHE A 688 7.06 -20.02 0.64
C PHE A 688 7.34 -21.43 1.13
N VAL A 689 7.35 -22.39 0.20
CA VAL A 689 7.61 -23.79 0.56
C VAL A 689 9.01 -23.97 1.17
N GLU A 690 9.98 -23.22 0.63
CA GLU A 690 11.34 -23.26 1.15
C GLU A 690 11.35 -22.80 2.61
N PHE A 691 10.56 -21.78 2.93
CA PHE A 691 10.40 -21.37 4.32
C PHE A 691 9.56 -22.34 5.15
N ARG A 692 8.37 -22.68 4.66
CA ARG A 692 7.37 -23.37 5.49
C ARG A 692 7.60 -24.86 5.66
N GLY A 693 8.16 -25.49 4.62
CA GLY A 693 8.37 -26.95 4.62
C GLY A 693 7.28 -27.72 3.88
N ARG A 694 6.23 -26.99 3.48
CA ARG A 694 5.06 -27.55 2.81
C ARG A 694 4.28 -26.44 2.14
N GLU A 695 3.32 -26.80 1.28
CA GLU A 695 2.46 -25.81 0.63
C GLU A 695 1.50 -25.18 1.66
N PRO A 696 0.99 -23.98 1.37
CA PRO A 696 0.21 -23.21 2.34
C PRO A 696 -1.15 -23.81 2.71
N SER A 697 -1.58 -23.53 3.93
CA SER A 697 -2.88 -23.93 4.42
C SER A 697 -3.62 -22.67 4.90
N PRO A 698 -4.95 -22.60 4.67
CA PRO A 698 -5.73 -21.47 5.18
C PRO A 698 -6.12 -21.63 6.65
N GLU A 699 -5.75 -22.75 7.27
CA GLU A 699 -6.11 -23.01 8.68
C GLU A 699 -5.53 -21.97 9.67
N PRO A 700 -4.24 -21.61 9.53
CA PRO A 700 -3.75 -20.58 10.45
C PRO A 700 -4.53 -19.25 10.36
N LEU A 701 -4.76 -18.75 9.14
CA LEU A 701 -5.54 -17.52 8.98
C LEU A 701 -6.86 -17.62 9.73
N LEU A 702 -7.59 -18.72 9.51
CA LEU A 702 -8.90 -18.88 10.17
C LEU A 702 -8.75 -18.96 11.69
N ARG A 703 -7.76 -19.73 12.16
CA ARG A 703 -7.52 -19.88 13.60
C ARG A 703 -7.15 -18.57 14.30
N HIS A 704 -6.25 -17.81 13.68
CA HIS A 704 -5.81 -16.54 14.26
C HIS A 704 -6.96 -15.58 14.47
N ASN A 705 -7.98 -15.72 13.62
CA ASN A 705 -9.10 -14.79 13.66
C ASN A 705 -10.37 -15.38 14.28
N GLY A 706 -10.24 -16.60 14.80
CA GLY A 706 -11.33 -17.27 15.51
C GLY A 706 -12.46 -17.69 14.60
N LEU A 707 -12.14 -18.00 13.34
CA LEU A 707 -13.14 -18.36 12.35
C LEU A 707 -13.07 -19.81 11.85
N LEU A 708 -12.51 -20.71 12.67
CA LEU A 708 -12.49 -22.14 12.35
C LEU A 708 -13.88 -22.77 12.38
N ALA B 1 3.21 1.20 -6.04
CA ALA B 1 3.07 1.29 -4.55
C ALA B 1 2.51 0.01 -3.93
N ALA B 2 3.20 -0.49 -2.91
CA ALA B 2 2.68 -1.58 -2.08
C ALA B 2 1.90 -0.92 -0.95
N ALA B 3 0.58 -0.89 -1.09
CA ALA B 3 -0.30 -0.16 -0.17
C ALA B 3 -0.55 -0.91 1.14
N ALA B 4 -1.76 -0.72 1.69
CA ALA B 4 -2.19 -1.37 2.93
C ALA B 4 -3.71 -1.48 3.02
#